data_4FC7
#
_entry.id   4FC7
#
_cell.length_a   88.100
_cell.length_b   94.502
_cell.length_c   130.156
_cell.angle_alpha   90.00
_cell.angle_beta   90.00
_cell.angle_gamma   90.00
#
_symmetry.space_group_name_H-M   'P 21 21 21'
#
loop_
_entity.id
_entity.type
_entity.pdbx_description
1 polymer 'Peroxisomal 2,4-dienoyl-CoA reductase'
2 non-polymer 'NADP NICOTINAMIDE-ADENINE-DINUCLEOTIDE PHOSPHATE'
3 non-polymer 'COENZYME A'
4 water water
#
_entity_poly.entity_id   1
_entity_poly.type   'polypeptide(L)'
_entity_poly.pdbx_seq_one_letter_code
;AQPPPDVEGDDCLPAYRHLFCPDLLRDKVAFITGGGSGIGFRIAEIFMRHGCHTVIASRSLPRVLTAARKLAGATGRRCL
PLSMDVRAPPAVMAAVDQALKEFGRIDILINCAAGNFLCPAGALSFNAFKTVMDIDTSGTFNVSRVLYEKFFRDHGGVIV
NITATLGNRGQALQVHAGSAKAAVDAMTRHLAVEWGPQNIRVNSLAPGPISGTEGLRRLGGPQASLSTKVTASPLQRLGN
KTEIAHSVLYLASPLASYVTGAVLVADGGAWLTFPNG
;
_entity_poly.pdbx_strand_id   A,B,C,D
#
# COMPACT_ATOMS: atom_id res chain seq x y z
N PRO A 3 -0.21 -0.83 29.64
CA PRO A 3 -1.34 -0.09 28.96
C PRO A 3 -2.16 0.84 29.92
N PRO A 4 -2.77 1.92 29.45
CA PRO A 4 -3.71 2.58 30.32
C PRO A 4 -4.89 1.66 30.72
N PRO A 5 -5.48 1.82 31.87
CA PRO A 5 -6.47 0.83 32.25
C PRO A 5 -7.79 1.00 31.50
N ASP A 6 -8.56 -0.05 31.57
CA ASP A 6 -9.77 -0.15 30.80
C ASP A 6 -10.75 -1.02 31.61
N VAL A 7 -12.00 -1.05 31.22
CA VAL A 7 -12.92 -1.97 31.86
C VAL A 7 -13.65 -2.71 30.75
N GLU A 8 -13.99 -3.97 31.01
CA GLU A 8 -14.47 -4.87 29.92
C GLU A 8 -15.89 -4.50 29.49
N GLY A 9 -16.69 -3.96 30.42
CA GLY A 9 -18.11 -3.65 30.10
C GLY A 9 -18.26 -2.29 29.46
N ASP A 10 -19.47 -2.02 28.97
CA ASP A 10 -19.77 -0.66 28.47
C ASP A 10 -20.08 0.18 29.69
N ASP A 11 -19.07 0.33 30.55
CA ASP A 11 -19.16 1.18 31.73
C ASP A 11 -17.97 2.07 31.80
N CYS A 12 -18.10 3.14 32.59
CA CYS A 12 -17.04 4.20 32.60
C CYS A 12 -15.85 3.76 33.43
N LEU A 13 -14.69 4.33 33.13
CA LEU A 13 -13.45 4.02 33.85
C LEU A 13 -13.62 4.47 35.30
N PRO A 14 -13.10 3.72 36.30
CA PRO A 14 -13.27 4.22 37.67
C PRO A 14 -12.35 5.42 37.97
N ALA A 15 -11.31 5.61 37.16
CA ALA A 15 -10.36 6.71 37.32
C ALA A 15 -9.68 6.87 35.98
N TYR A 16 -9.15 8.04 35.69
CA TYR A 16 -8.45 8.22 34.40
C TYR A 16 -7.29 9.19 34.68
N ARG A 17 -6.11 8.92 34.14
CA ARG A 17 -4.94 9.86 34.17
C ARG A 17 -4.77 10.58 32.86
N HIS A 18 -4.74 11.92 32.91
CA HIS A 18 -4.60 12.70 31.68
C HIS A 18 -3.17 12.74 31.21
N LEU A 19 -3.02 12.47 29.92
CA LEU A 19 -1.76 12.58 29.15
C LEU A 19 -1.93 13.71 28.10
N PHE A 20 -3.12 13.83 27.51
CA PHE A 20 -3.54 15.05 26.87
C PHE A 20 -4.07 16.05 27.90
N CYS A 21 -4.03 17.37 27.66
CA CYS A 21 -4.69 18.33 28.58
C CYS A 21 -6.19 18.10 28.66
N PRO A 22 -6.77 18.19 29.89
CA PRO A 22 -8.23 18.04 30.09
C PRO A 22 -9.09 19.06 29.33
N ASP A 23 -8.52 20.15 28.80
CA ASP A 23 -9.27 21.07 27.94
C ASP A 23 -8.97 20.93 26.43
N LEU A 24 -8.40 19.80 26.00
CA LEU A 24 -8.03 19.65 24.57
C LEU A 24 -9.20 19.86 23.62
N LEU A 25 -10.37 19.39 24.02
CA LEU A 25 -11.59 19.52 23.21
C LEU A 25 -12.67 20.37 23.94
N ARG A 26 -12.24 21.37 24.70
CA ARG A 26 -13.20 22.07 25.58
C ARG A 26 -14.33 22.68 24.71
N ASP A 27 -15.55 22.32 25.04
CA ASP A 27 -16.74 22.88 24.44
C ASP A 27 -17.00 22.48 22.98
N LYS A 28 -16.20 21.58 22.48
CA LYS A 28 -16.50 20.97 21.20
C LYS A 28 -17.65 19.96 21.33
N VAL A 29 -18.15 19.45 20.19
CA VAL A 29 -19.24 18.50 20.21
C VAL A 29 -18.86 17.38 19.21
N ALA A 30 -18.91 16.14 19.67
CA ALA A 30 -18.51 15.04 18.80
C ALA A 30 -19.75 14.20 18.57
N PHE A 31 -20.02 13.87 17.31
CA PHE A 31 -21.14 13.00 16.96
C PHE A 31 -20.50 11.63 16.70
N ILE A 32 -20.92 10.60 17.46
CA ILE A 32 -20.26 9.28 17.45
C ILE A 32 -21.27 8.19 17.10
N THR A 33 -21.18 7.62 15.91
CA THR A 33 -22.13 6.55 15.59
C THR A 33 -21.61 5.32 16.30
N GLY A 34 -22.49 4.42 16.83
CA GLY A 34 -21.98 3.28 17.63
C GLY A 34 -21.47 3.71 19.02
N GLY A 35 -21.85 4.90 19.49
CA GLY A 35 -21.21 5.40 20.77
C GLY A 35 -21.82 4.81 22.03
N GLY A 36 -22.79 3.90 21.87
CA GLY A 36 -23.41 3.26 23.00
C GLY A 36 -22.74 1.99 23.47
N SER A 37 -21.75 1.47 22.73
CA SER A 37 -21.11 0.22 23.18
C SER A 37 -19.69 0.12 22.66
N GLY A 38 -18.94 -0.82 23.23
CA GLY A 38 -17.62 -1.22 22.68
C GLY A 38 -16.64 -0.03 22.56
N ILE A 39 -15.91 -0.02 21.47
CA ILE A 39 -14.92 1.06 21.25
C ILE A 39 -15.62 2.40 21.24
N GLY A 40 -16.81 2.46 20.67
CA GLY A 40 -17.42 3.78 20.46
C GLY A 40 -17.78 4.42 21.84
N PHE A 41 -18.25 3.60 22.76
CA PHE A 41 -18.60 4.05 24.12
C PHE A 41 -17.33 4.64 24.81
N ARG A 42 -16.24 3.95 24.69
CA ARG A 42 -15.01 4.45 25.31
C ARG A 42 -14.46 5.71 24.64
N ILE A 43 -14.63 5.84 23.30
CA ILE A 43 -14.25 7.08 22.62
C ILE A 43 -15.11 8.21 23.21
N ALA A 44 -16.43 7.99 23.32
CA ALA A 44 -17.33 9.04 23.87
C ALA A 44 -16.80 9.45 25.24
N GLU A 45 -16.46 8.45 26.06
CA GLU A 45 -16.11 8.77 27.41
C GLU A 45 -14.78 9.55 27.49
N ILE A 46 -13.80 9.11 26.70
CA ILE A 46 -12.52 9.78 26.70
C ILE A 46 -12.69 11.20 26.16
N PHE A 47 -13.48 11.35 25.14
CA PHE A 47 -13.72 12.70 24.61
C PHE A 47 -14.28 13.68 25.68
N MET A 48 -15.29 13.20 26.38
CA MET A 48 -15.96 13.98 27.40
C MET A 48 -15.02 14.31 28.53
N ARG A 49 -14.07 13.42 28.82
CA ARG A 49 -13.10 13.71 29.83
C ARG A 49 -12.04 14.75 29.36
N HIS A 50 -12.06 15.12 28.07
CA HIS A 50 -11.28 16.24 27.56
C HIS A 50 -12.09 17.44 27.19
N GLY A 51 -13.26 17.58 27.84
CA GLY A 51 -14.11 18.79 27.61
C GLY A 51 -15.19 18.78 26.52
N CYS A 52 -15.30 17.68 25.76
CA CYS A 52 -16.22 17.56 24.64
C CYS A 52 -17.59 17.08 25.10
N HIS A 53 -18.68 17.67 24.59
CA HIS A 53 -20.04 17.07 24.68
C HIS A 53 -20.16 16.04 23.62
N THR A 54 -20.99 15.04 23.83
CA THR A 54 -21.15 14.02 22.76
C THR A 54 -22.61 13.85 22.34
N VAL A 55 -22.79 13.37 21.11
CA VAL A 55 -24.04 12.81 20.65
C VAL A 55 -23.69 11.40 20.30
N ILE A 56 -24.43 10.43 20.82
CA ILE A 56 -24.13 9.05 20.43
C ILE A 56 -25.40 8.57 19.74
N ALA A 57 -25.21 7.74 18.72
CA ALA A 57 -26.30 7.38 17.85
C ALA A 57 -26.11 5.99 17.34
N SER A 58 -27.16 5.16 17.48
CA SER A 58 -27.12 3.84 16.89
C SER A 58 -28.57 3.36 16.77
N ARG A 59 -28.80 2.11 16.39
CA ARG A 59 -30.14 1.71 16.09
C ARG A 59 -30.91 1.57 17.43
N SER A 60 -30.25 1.09 18.45
CA SER A 60 -30.98 0.79 19.69
C SER A 60 -31.10 1.99 20.65
N LEU A 61 -32.31 2.52 20.76
CA LEU A 61 -32.51 3.63 21.70
C LEU A 61 -32.22 3.24 23.21
N PRO A 62 -32.62 2.03 23.62
CA PRO A 62 -32.31 1.55 24.96
C PRO A 62 -30.79 1.55 25.20
N ARG A 63 -30.01 1.24 24.14
CA ARG A 63 -28.55 1.15 24.34
C ARG A 63 -28.01 2.53 24.54
N VAL A 64 -28.34 3.48 23.69
CA VAL A 64 -27.74 4.78 23.80
C VAL A 64 -28.30 5.53 24.99
N LEU A 65 -29.56 5.24 25.40
CA LEU A 65 -30.05 5.91 26.59
C LEU A 65 -29.28 5.55 27.84
N THR A 66 -29.04 4.26 28.02
CA THR A 66 -28.33 3.85 29.22
C THR A 66 -26.87 4.34 29.21
N ALA A 67 -26.26 4.28 28.02
CA ALA A 67 -24.88 4.81 27.88
C ALA A 67 -24.75 6.28 28.21
N ALA A 68 -25.67 7.08 27.72
CA ALA A 68 -25.65 8.53 27.88
C ALA A 68 -25.76 8.96 29.35
N ARG A 69 -26.54 8.24 30.13
CA ARG A 69 -26.64 8.48 31.56
C ARG A 69 -25.33 8.13 32.23
N LYS A 70 -24.75 7.03 31.82
CA LYS A 70 -23.42 6.71 32.32
C LYS A 70 -22.33 7.73 32.02
N LEU A 71 -22.29 8.19 30.77
CA LEU A 71 -21.26 9.09 30.31
C LEU A 71 -21.42 10.47 30.96
N ALA A 72 -22.63 11.00 31.01
CA ALA A 72 -22.86 12.27 31.71
C ALA A 72 -22.52 12.13 33.20
N GLY A 73 -22.95 11.03 33.83
CA GLY A 73 -22.69 10.76 35.27
C GLY A 73 -21.19 10.75 35.62
N ALA A 74 -20.39 10.18 34.73
CA ALA A 74 -18.96 10.03 34.98
C ALA A 74 -18.14 11.32 34.74
N THR A 75 -18.56 12.17 33.80
CA THR A 75 -17.67 13.21 33.27
C THR A 75 -18.20 14.57 33.51
N GLY A 76 -19.48 14.66 33.89
CA GLY A 76 -19.99 15.97 34.08
C GLY A 76 -20.30 16.77 32.82
N ARG A 77 -19.96 16.27 31.62
CA ARG A 77 -20.36 16.90 30.33
C ARG A 77 -21.70 16.31 29.81
N ARG A 78 -22.25 16.87 28.73
CA ARG A 78 -23.57 16.46 28.20
C ARG A 78 -23.43 15.36 27.13
N CYS A 79 -24.35 14.43 27.12
CA CYS A 79 -24.36 13.33 26.10
C CYS A 79 -25.82 13.16 25.62
N LEU A 80 -26.08 13.45 24.37
CA LEU A 80 -27.38 13.27 23.75
C LEU A 80 -27.50 11.89 23.09
N PRO A 81 -28.39 11.05 23.57
CA PRO A 81 -28.55 9.76 22.84
C PRO A 81 -29.60 9.83 21.68
N LEU A 82 -29.35 9.23 20.53
CA LEU A 82 -30.26 9.20 19.39
C LEU A 82 -30.30 7.90 18.76
N SER A 83 -31.49 7.56 18.27
CA SER A 83 -31.72 6.28 17.58
C SER A 83 -31.64 6.60 16.09
N MET A 84 -30.83 5.84 15.33
CA MET A 84 -30.58 6.17 13.93
C MET A 84 -29.91 4.98 13.28
N ASP A 85 -30.42 4.48 12.19
CA ASP A 85 -29.75 3.45 11.47
C ASP A 85 -28.91 4.17 10.40
N VAL A 86 -27.61 3.89 10.31
CA VAL A 86 -26.79 4.67 9.35
C VAL A 86 -27.18 4.44 7.88
N ARG A 87 -27.99 3.42 7.63
CA ARG A 87 -28.45 3.09 6.31
C ARG A 87 -29.67 3.90 5.83
N ALA A 88 -30.20 4.75 6.70
CA ALA A 88 -31.51 5.43 6.40
C ALA A 88 -31.28 6.92 6.41
N PRO A 89 -31.07 7.55 5.23
CA PRO A 89 -30.93 9.00 5.19
C PRO A 89 -32.03 9.83 5.99
N PRO A 90 -33.35 9.45 5.97
CA PRO A 90 -34.30 10.23 6.79
C PRO A 90 -33.85 10.23 8.25
N ALA A 91 -33.56 9.05 8.79
CA ALA A 91 -33.18 8.94 10.19
C ALA A 91 -31.88 9.64 10.48
N VAL A 92 -30.89 9.55 9.59
CA VAL A 92 -29.60 10.22 9.85
C VAL A 92 -29.79 11.75 9.85
N MET A 93 -30.59 12.23 8.91
CA MET A 93 -30.85 13.65 8.78
C MET A 93 -31.57 14.10 10.00
N ALA A 94 -32.45 13.24 10.50
CA ALA A 94 -33.19 13.65 11.67
C ALA A 94 -32.30 13.73 12.91
N ALA A 95 -31.37 12.79 13.04
CA ALA A 95 -30.43 12.76 14.13
C ALA A 95 -29.47 13.99 14.14
N VAL A 96 -28.91 14.32 12.99
CA VAL A 96 -27.96 15.44 12.89
C VAL A 96 -28.73 16.75 13.20
N ASP A 97 -29.95 16.86 12.72
CA ASP A 97 -30.78 18.03 13.15
C ASP A 97 -31.01 18.16 14.65
N GLN A 98 -31.39 17.03 15.26
CA GLN A 98 -31.55 16.91 16.71
C GLN A 98 -30.27 17.28 17.42
N ALA A 99 -29.12 16.91 16.85
CA ALA A 99 -27.86 17.29 17.49
C ALA A 99 -27.56 18.78 17.40
N LEU A 100 -27.79 19.35 16.25
CA LEU A 100 -27.59 20.74 16.06
C LEU A 100 -28.61 21.54 16.89
N LYS A 101 -29.80 21.01 17.12
CA LYS A 101 -30.75 21.73 17.91
C LYS A 101 -30.34 21.74 19.39
N GLU A 102 -29.83 20.63 19.88
CA GLU A 102 -29.34 20.56 21.25
C GLU A 102 -28.08 21.41 21.46
N PHE A 103 -27.08 21.35 20.55
CA PHE A 103 -25.76 21.98 20.86
C PHE A 103 -25.44 23.18 20.01
N GLY A 104 -26.07 23.26 18.82
CA GLY A 104 -25.85 24.41 17.96
C GLY A 104 -24.62 24.24 17.04
N ARG A 105 -23.87 23.18 17.23
CA ARG A 105 -22.65 22.92 16.41
C ARG A 105 -22.29 21.45 16.54
N ILE A 106 -21.61 20.91 15.53
CA ILE A 106 -20.90 19.65 15.68
C ILE A 106 -19.46 19.92 15.11
N ASP A 107 -18.43 19.50 15.84
CA ASP A 107 -17.04 19.80 15.45
C ASP A 107 -16.39 18.50 14.91
N ILE A 108 -16.82 17.37 15.45
CA ILE A 108 -16.19 16.10 15.14
C ILE A 108 -17.24 15.00 14.88
N LEU A 109 -16.98 14.15 13.89
CA LEU A 109 -17.77 12.98 13.58
C LEU A 109 -16.83 11.73 13.68
N ILE A 110 -17.23 10.73 14.44
CA ILE A 110 -16.54 9.48 14.58
C ILE A 110 -17.49 8.43 14.01
N ASN A 111 -17.08 7.83 12.88
CA ASN A 111 -17.92 6.78 12.23
C ASN A 111 -17.40 5.44 12.77
N CYS A 112 -18.08 4.94 13.80
CA CYS A 112 -17.65 3.73 14.45
CA CYS A 112 -17.70 3.68 14.48
C CYS A 112 -18.62 2.59 14.18
N ALA A 113 -19.85 2.89 13.72
CA ALA A 113 -20.87 1.83 13.52
C ALA A 113 -20.40 0.84 12.46
N ALA A 114 -20.51 -0.44 12.78
CA ALA A 114 -20.12 -1.51 11.88
C ALA A 114 -20.89 -2.77 12.24
N GLY A 115 -20.85 -3.77 11.36
CA GLY A 115 -21.40 -5.11 11.69
C GLY A 115 -20.44 -6.15 11.18
N ASN A 116 -20.20 -7.25 11.91
CA ASN A 116 -19.20 -8.26 11.47
C ASN A 116 -19.55 -9.59 12.17
N PHE A 117 -18.96 -10.68 11.66
CA PHE A 117 -19.13 -12.01 12.22
C PHE A 117 -18.20 -12.91 11.38
N LEU A 118 -17.84 -14.11 11.88
CA LEU A 118 -17.00 -14.97 11.06
C LEU A 118 -17.82 -15.80 10.08
N CYS A 119 -17.38 -15.89 8.80
CA CYS A 119 -18.11 -16.73 7.85
C CYS A 119 -17.25 -16.98 6.65
N PRO A 120 -17.18 -18.25 6.22
CA PRO A 120 -16.41 -18.53 4.98
C PRO A 120 -17.09 -17.88 3.77
N ALA A 121 -16.30 -17.37 2.82
CA ALA A 121 -16.84 -16.66 1.66
C ALA A 121 -17.79 -17.53 0.85
N GLY A 122 -17.49 -18.83 0.84
CA GLY A 122 -18.33 -19.78 0.15
C GLY A 122 -19.68 -20.07 0.80
N ALA A 123 -19.82 -19.87 2.10
CA ALA A 123 -21.10 -20.01 2.83
C ALA A 123 -21.81 -18.67 3.06
N LEU A 124 -21.18 -17.55 2.66
CA LEU A 124 -21.69 -16.25 3.02
C LEU A 124 -22.75 -15.89 2.03
N SER A 125 -23.93 -15.47 2.49
CA SER A 125 -25.01 -15.22 1.51
C SER A 125 -24.81 -13.86 0.79
N PHE A 126 -25.44 -13.71 -0.36
CA PHE A 126 -25.45 -12.44 -1.07
C PHE A 126 -25.92 -11.30 -0.22
N ASN A 127 -27.01 -11.53 0.52
CA ASN A 127 -27.51 -10.45 1.35
C ASN A 127 -26.58 -10.19 2.61
N ALA A 128 -25.93 -11.23 3.17
CA ALA A 128 -25.06 -11.04 4.32
C ALA A 128 -23.88 -10.14 3.89
N PHE A 129 -23.31 -10.41 2.69
CA PHE A 129 -22.21 -9.56 2.18
C PHE A 129 -22.67 -8.13 1.97
N LYS A 130 -23.74 -7.95 1.25
CA LYS A 130 -24.25 -6.65 0.97
C LYS A 130 -24.62 -5.86 2.25
N THR A 131 -25.16 -6.52 3.26
CA THR A 131 -25.52 -5.83 4.51
C THR A 131 -24.27 -5.24 5.22
N VAL A 132 -23.18 -5.98 5.27
CA VAL A 132 -21.95 -5.48 5.85
C VAL A 132 -21.43 -4.23 5.02
N MET A 133 -21.40 -4.37 3.69
CA MET A 133 -21.10 -3.22 2.84
CA MET A 133 -21.11 -3.21 2.82
C MET A 133 -22.05 -2.05 3.10
N ASP A 134 -23.35 -2.31 3.20
CA ASP A 134 -24.30 -1.26 3.42
C ASP A 134 -24.04 -0.49 4.73
N ILE A 135 -23.78 -1.22 5.79
CA ILE A 135 -23.58 -0.61 7.14
CA ILE A 135 -23.60 -0.52 7.07
C ILE A 135 -22.24 0.14 7.18
N ASP A 136 -21.17 -0.63 6.92
CA ASP A 136 -19.81 -0.14 7.14
C ASP A 136 -19.45 0.95 6.15
N THR A 137 -19.75 0.71 4.89
CA THR A 137 -19.35 1.58 3.83
C THR A 137 -20.35 2.67 3.44
N SER A 138 -21.48 2.21 2.93
CA SER A 138 -22.50 3.20 2.51
C SER A 138 -23.02 4.00 3.68
N GLY A 139 -23.11 3.31 4.81
CA GLY A 139 -23.48 3.93 6.15
C GLY A 139 -22.51 5.08 6.50
N THR A 140 -21.23 4.80 6.47
CA THR A 140 -20.20 5.84 6.68
C THR A 140 -20.29 7.00 5.73
N PHE A 141 -20.53 6.69 4.46
CA PHE A 141 -20.68 7.79 3.51
C PHE A 141 -21.92 8.63 3.85
N ASN A 142 -23.04 7.96 4.08
CA ASN A 142 -24.31 8.63 4.41
C ASN A 142 -24.13 9.60 5.60
N VAL A 143 -23.59 9.11 6.75
CA VAL A 143 -23.39 10.05 7.89
C VAL A 143 -22.43 11.23 7.52
N SER A 144 -21.31 10.91 6.89
CA SER A 144 -20.33 11.92 6.49
C SER A 144 -21.01 12.95 5.61
N ARG A 145 -21.81 12.54 4.62
CA ARG A 145 -22.41 13.53 3.71
C ARG A 145 -23.51 14.36 4.35
N VAL A 146 -24.25 13.77 5.25
CA VAL A 146 -25.36 14.51 5.94
C VAL A 146 -24.66 15.58 6.81
N LEU A 147 -23.63 15.22 7.56
CA LEU A 147 -22.85 16.24 8.34
C LEU A 147 -22.18 17.30 7.48
N TYR A 148 -21.70 16.90 6.30
CA TYR A 148 -21.15 17.88 5.39
C TYR A 148 -22.27 18.91 5.06
N GLU A 149 -23.38 18.41 4.54
CA GLU A 149 -24.47 19.28 4.07
C GLU A 149 -25.04 20.15 5.20
N LYS A 150 -25.20 19.59 6.38
CA LYS A 150 -25.84 20.34 7.42
C LYS A 150 -24.93 21.24 8.23
N PHE A 151 -23.63 21.02 8.22
CA PHE A 151 -22.74 21.79 9.08
C PHE A 151 -21.26 21.87 8.64
N PHE A 152 -20.64 20.75 8.32
CA PHE A 152 -19.21 20.79 8.09
C PHE A 152 -18.86 21.58 6.83
N ARG A 153 -19.67 21.48 5.78
CA ARG A 153 -19.34 22.32 4.56
C ARG A 153 -19.13 23.82 4.90
N ASP A 154 -19.99 24.34 5.75
CA ASP A 154 -20.01 25.74 6.08
C ASP A 154 -19.11 26.18 7.24
N HIS A 155 -18.75 25.24 8.08
CA HIS A 155 -18.02 25.56 9.29
C HIS A 155 -16.72 24.79 9.50
N GLY A 156 -16.42 23.86 8.58
CA GLY A 156 -15.28 22.95 8.80
C GLY A 156 -15.57 21.80 9.76
N GLY A 157 -14.62 20.95 10.04
CA GLY A 157 -14.85 19.82 10.88
C GLY A 157 -13.76 18.76 10.75
N VAL A 158 -13.90 17.71 11.52
CA VAL A 158 -12.95 16.61 11.54
C VAL A 158 -13.77 15.31 11.54
N ILE A 159 -13.36 14.36 10.71
CA ILE A 159 -13.96 13.07 10.64
C ILE A 159 -12.87 12.06 10.94
N VAL A 160 -13.24 11.09 11.78
CA VAL A 160 -12.39 9.90 12.03
C VAL A 160 -13.21 8.70 11.61
N ASN A 161 -12.76 7.92 10.66
CA ASN A 161 -13.43 6.64 10.32
C ASN A 161 -12.73 5.47 11.02
N ILE A 162 -13.46 4.62 11.68
CA ILE A 162 -12.87 3.46 12.38
C ILE A 162 -12.87 2.33 11.39
N THR A 163 -11.71 1.87 10.99
CA THR A 163 -11.61 0.85 9.96
C THR A 163 -11.01 -0.46 10.49
N ALA A 164 -10.05 -1.04 9.82
CA ALA A 164 -9.52 -2.41 10.20
C ALA A 164 -8.35 -2.73 9.28
N THR A 165 -7.58 -3.78 9.58
CA THR A 165 -6.47 -4.18 8.72
C THR A 165 -6.82 -5.46 7.90
N LEU A 166 -8.10 -5.90 7.94
CA LEU A 166 -8.50 -7.24 7.48
C LEU A 166 -8.22 -7.46 5.99
N GLY A 167 -8.44 -6.38 5.22
CA GLY A 167 -8.27 -6.47 3.81
C GLY A 167 -6.84 -6.47 3.35
N ASN A 168 -5.89 -6.18 4.26
CA ASN A 168 -4.46 -6.06 3.88
C ASN A 168 -3.96 -7.41 3.35
N ARG A 169 -4.26 -8.44 4.12
CA ARG A 169 -3.80 -9.80 3.77
C ARG A 169 -4.95 -10.71 3.33
N GLY A 170 -6.14 -10.13 3.26
CA GLY A 170 -7.33 -10.93 2.91
C GLY A 170 -7.61 -11.98 3.98
N GLN A 171 -7.79 -11.52 5.23
CA GLN A 171 -8.00 -12.42 6.34
C GLN A 171 -9.19 -13.41 6.10
N ALA A 172 -8.96 -14.70 6.46
CA ALA A 172 -9.97 -15.74 6.22
C ALA A 172 -11.26 -15.45 7.06
N LEU A 173 -12.45 -15.90 6.58
CA LEU A 173 -13.74 -15.77 7.30
C LEU A 173 -14.19 -14.28 7.38
N GLN A 174 -13.55 -13.38 6.58
CA GLN A 174 -13.75 -11.93 6.72
C GLN A 174 -13.89 -11.17 5.41
N VAL A 175 -14.28 -11.85 4.32
CA VAL A 175 -14.32 -11.14 3.01
C VAL A 175 -15.25 -9.97 3.10
N HIS A 176 -16.35 -10.08 3.82
CA HIS A 176 -17.29 -8.97 3.94
C HIS A 176 -16.66 -7.78 4.65
N ALA A 177 -16.12 -8.03 5.81
CA ALA A 177 -15.63 -6.89 6.59
C ALA A 177 -14.38 -6.31 5.97
N GLY A 178 -13.51 -7.15 5.43
CA GLY A 178 -12.24 -6.77 4.85
C GLY A 178 -12.53 -5.87 3.65
N SER A 179 -13.53 -6.21 2.83
CA SER A 179 -13.88 -5.43 1.66
C SER A 179 -14.49 -4.12 2.08
N ALA A 180 -15.43 -4.19 3.04
CA ALA A 180 -16.10 -2.98 3.45
C ALA A 180 -15.11 -1.98 4.08
N LYS A 181 -14.24 -2.44 4.99
CA LYS A 181 -13.29 -1.50 5.66
C LYS A 181 -12.22 -1.01 4.62
N ALA A 182 -11.84 -1.83 3.65
CA ALA A 182 -10.91 -1.29 2.58
C ALA A 182 -11.55 -0.13 1.74
N ALA A 183 -12.86 -0.24 1.60
CA ALA A 183 -13.58 0.77 0.84
C ALA A 183 -13.65 2.03 1.73
N VAL A 184 -13.78 1.85 3.07
CA VAL A 184 -13.76 3.01 3.96
C VAL A 184 -12.37 3.69 3.91
N ASP A 185 -11.29 2.93 3.93
CA ASP A 185 -9.97 3.58 3.76
C ASP A 185 -9.80 4.41 2.42
N ALA A 186 -10.26 3.90 1.27
CA ALA A 186 -10.33 4.76 0.03
C ALA A 186 -11.24 5.96 0.20
N MET A 187 -12.40 5.76 0.81
CA MET A 187 -13.31 6.88 1.01
C MET A 187 -12.59 8.02 1.80
N THR A 188 -11.85 7.64 2.83
CA THR A 188 -11.09 8.60 3.62
C THR A 188 -10.23 9.51 2.73
N ARG A 189 -9.47 8.92 1.83
CA ARG A 189 -8.65 9.69 0.92
C ARG A 189 -9.54 10.57 0.02
N HIS A 190 -10.58 9.97 -0.53
CA HIS A 190 -11.43 10.80 -1.48
C HIS A 190 -11.98 12.00 -0.78
N LEU A 191 -12.54 11.78 0.40
CA LEU A 191 -13.16 12.90 1.13
C LEU A 191 -12.13 13.89 1.63
N ALA A 192 -10.94 13.41 1.98
CA ALA A 192 -9.91 14.31 2.43
C ALA A 192 -9.58 15.30 1.32
N VAL A 193 -9.48 14.81 0.08
CA VAL A 193 -9.14 15.63 -1.08
C VAL A 193 -10.29 16.63 -1.42
N GLU A 194 -11.49 16.11 -1.53
CA GLU A 194 -12.68 16.96 -1.86
C GLU A 194 -13.00 17.97 -0.78
N TRP A 195 -12.88 17.59 0.48
CA TRP A 195 -13.30 18.41 1.56
C TRP A 195 -12.27 19.25 2.30
N GLY A 196 -11.03 18.88 2.17
CA GLY A 196 -9.95 19.69 2.72
C GLY A 196 -10.19 21.22 2.49
N PRO A 197 -10.50 21.64 1.26
CA PRO A 197 -10.67 23.10 1.05
C PRO A 197 -11.79 23.71 1.86
N GLN A 198 -12.72 22.92 2.40
CA GLN A 198 -13.73 23.45 3.33
C GLN A 198 -13.29 23.35 4.79
N ASN A 199 -11.99 23.16 5.05
CA ASN A 199 -11.46 22.97 6.42
C ASN A 199 -11.95 21.70 7.11
N ILE A 200 -12.02 20.60 6.38
CA ILE A 200 -12.46 19.38 6.98
C ILE A 200 -11.29 18.40 6.85
N ARG A 201 -10.85 17.83 7.95
CA ARG A 201 -9.88 16.76 7.86
C ARG A 201 -10.62 15.42 7.98
N VAL A 202 -10.09 14.38 7.28
CA VAL A 202 -10.73 13.12 7.32
C VAL A 202 -9.58 12.08 7.38
N ASN A 203 -9.66 11.17 8.35
CA ASN A 203 -8.62 10.14 8.57
C ASN A 203 -9.27 8.88 9.00
N SER A 204 -8.55 7.76 8.94
CA SER A 204 -9.01 6.45 9.30
C SER A 204 -8.10 5.96 10.47
N LEU A 205 -8.70 5.26 11.39
CA LEU A 205 -7.95 4.64 12.48
C LEU A 205 -8.30 3.14 12.40
N ALA A 206 -7.28 2.33 12.17
CA ALA A 206 -7.53 0.86 12.13
C ALA A 206 -7.07 0.15 13.45
N PRO A 207 -8.00 -0.22 14.32
CA PRO A 207 -7.67 -0.95 15.55
C PRO A 207 -7.29 -2.38 15.29
N GLY A 208 -6.49 -2.92 16.18
CA GLY A 208 -6.11 -4.34 16.19
C GLY A 208 -7.21 -5.05 16.99
N PRO A 209 -6.91 -6.26 17.49
CA PRO A 209 -7.86 -7.03 18.36
C PRO A 209 -8.00 -6.41 19.73
N ILE A 210 -9.21 -5.97 20.10
CA ILE A 210 -9.33 -5.09 21.29
C ILE A 210 -10.13 -5.81 22.36
N SER A 211 -9.53 -6.00 23.54
CA SER A 211 -10.28 -6.65 24.63
C SER A 211 -11.55 -5.85 25.09
N GLY A 212 -12.55 -6.56 25.60
CA GLY A 212 -13.74 -5.95 26.12
C GLY A 212 -14.68 -5.42 25.08
N THR A 213 -14.74 -6.10 23.92
CA THR A 213 -15.52 -5.60 22.77
C THR A 213 -16.33 -6.76 22.18
N GLU A 214 -17.50 -6.44 21.65
CA GLU A 214 -18.27 -7.39 20.82
C GLU A 214 -17.45 -7.96 19.63
N GLY A 215 -16.65 -7.11 19.02
CA GLY A 215 -15.78 -7.52 17.94
C GLY A 215 -14.97 -8.74 18.34
N LEU A 216 -14.21 -8.63 19.43
CA LEU A 216 -13.29 -9.71 19.82
C LEU A 216 -14.09 -10.98 20.28
N ARG A 217 -15.16 -10.77 21.04
CA ARG A 217 -16.11 -11.83 21.42
C ARG A 217 -16.59 -12.62 20.19
N ARG A 218 -16.97 -11.95 19.10
CA ARG A 218 -17.43 -12.64 17.91
C ARG A 218 -16.31 -13.15 17.07
N LEU A 219 -15.23 -12.39 16.93
CA LEU A 219 -14.24 -12.72 15.92
C LEU A 219 -13.01 -13.36 16.51
N GLY A 220 -12.80 -13.21 17.81
CA GLY A 220 -11.61 -13.77 18.47
C GLY A 220 -11.32 -15.25 18.24
N GLY A 221 -12.34 -16.06 17.93
CA GLY A 221 -12.17 -17.54 17.91
C GLY A 221 -11.91 -18.19 19.28
N PRO A 222 -11.59 -19.52 19.29
CA PRO A 222 -11.33 -20.20 20.58
C PRO A 222 -10.29 -19.46 21.47
N GLN A 223 -10.54 -19.35 22.75
CA GLN A 223 -9.54 -18.72 23.67
C GLN A 223 -8.08 -19.25 23.58
N ALA A 224 -7.89 -20.58 23.43
CA ALA A 224 -6.53 -21.18 23.34
C ALA A 224 -5.73 -20.69 22.10
N SER A 225 -6.31 -20.85 20.90
CA SER A 225 -5.68 -20.33 19.67
C SER A 225 -5.58 -18.77 19.68
N LEU A 226 -6.54 -18.08 20.31
CA LEU A 226 -6.42 -16.62 20.48
C LEU A 226 -5.18 -16.24 21.33
N SER A 227 -5.01 -16.90 22.47
CA SER A 227 -3.84 -16.65 23.36
C SER A 227 -2.57 -16.83 22.55
N THR A 228 -2.56 -17.85 21.71
CA THR A 228 -1.37 -18.18 20.96
C THR A 228 -0.98 -17.12 19.90
N LYS A 229 -1.93 -16.68 19.06
CA LYS A 229 -1.57 -15.60 18.10
C LYS A 229 -1.18 -14.28 18.81
N VAL A 230 -1.87 -13.98 19.92
CA VAL A 230 -1.56 -12.82 20.78
C VAL A 230 -0.15 -12.85 21.32
N THR A 231 0.31 -13.95 21.92
CA THR A 231 1.65 -13.90 22.51
C THR A 231 2.71 -13.91 21.39
N ALA A 232 2.31 -14.38 20.19
CA ALA A 232 3.21 -14.40 19.04
C ALA A 232 3.16 -13.07 18.25
N SER A 233 2.27 -12.11 18.64
CA SER A 233 2.25 -10.76 17.96
C SER A 233 3.25 -9.75 18.65
N PRO A 234 3.59 -8.57 18.00
CA PRO A 234 4.84 -7.86 18.36
C PRO A 234 4.70 -7.38 19.81
N LEU A 235 3.56 -6.82 20.17
CA LEU A 235 3.47 -6.38 21.60
C LEU A 235 3.01 -7.42 22.63
N GLN A 236 2.64 -8.59 22.16
CA GLN A 236 2.29 -9.71 23.00
C GLN A 236 1.08 -9.57 23.86
N ARG A 237 0.10 -8.74 23.44
CA ARG A 237 -1.13 -8.56 24.28
C ARG A 237 -2.14 -7.97 23.36
N LEU A 238 -3.39 -8.12 23.76
CA LEU A 238 -4.48 -7.45 23.11
C LEU A 238 -4.42 -6.00 23.45
N GLY A 239 -4.93 -5.15 22.56
CA GLY A 239 -5.04 -3.71 22.84
C GLY A 239 -6.31 -3.52 23.69
N ASN A 240 -6.45 -2.39 24.35
CA ASN A 240 -7.73 -2.20 25.07
C ASN A 240 -8.46 -0.97 24.50
N LYS A 241 -9.67 -0.73 24.96
CA LYS A 241 -10.42 0.31 24.36
C LYS A 241 -9.92 1.68 24.64
N THR A 242 -9.38 1.91 25.82
CA THR A 242 -8.78 3.18 26.14
C THR A 242 -7.64 3.57 25.22
N GLU A 243 -6.80 2.62 24.90
CA GLU A 243 -5.70 2.89 23.94
C GLU A 243 -6.22 3.31 22.55
N ILE A 244 -7.23 2.62 22.05
CA ILE A 244 -7.88 3.03 20.78
C ILE A 244 -8.47 4.42 20.87
N ALA A 245 -9.19 4.72 21.94
CA ALA A 245 -9.77 6.07 22.19
C ALA A 245 -8.65 7.13 22.18
N HIS A 246 -7.46 6.83 22.71
CA HIS A 246 -6.37 7.84 22.69
C HIS A 246 -5.91 8.19 21.28
N SER A 247 -5.81 7.20 20.40
CA SER A 247 -5.35 7.44 19.03
C SER A 247 -6.48 8.10 18.25
N VAL A 248 -7.72 7.75 18.53
CA VAL A 248 -8.84 8.48 17.91
C VAL A 248 -8.87 9.91 18.40
N LEU A 249 -8.67 10.12 19.70
CA LEU A 249 -8.64 11.48 20.21
C LEU A 249 -7.52 12.29 19.54
N TYR A 250 -6.33 11.69 19.44
CA TYR A 250 -5.26 12.35 18.75
C TYR A 250 -5.73 12.88 17.34
N LEU A 251 -6.23 11.97 16.52
CA LEU A 251 -6.69 12.36 15.13
C LEU A 251 -7.77 13.39 15.10
N ALA A 252 -8.70 13.31 16.05
CA ALA A 252 -9.81 14.27 16.15
C ALA A 252 -9.45 15.61 16.71
N SER A 253 -8.25 15.77 17.27
CA SER A 253 -7.84 16.97 18.01
C SER A 253 -6.94 17.95 17.15
N PRO A 254 -6.78 19.19 17.62
CA PRO A 254 -5.90 20.16 16.94
C PRO A 254 -4.42 19.74 16.91
N LEU A 255 -4.09 18.69 17.63
CA LEU A 255 -2.72 18.17 17.55
C LEU A 255 -2.42 17.47 16.24
N ALA A 256 -3.49 17.08 15.50
CA ALA A 256 -3.35 16.43 14.21
C ALA A 256 -3.83 17.42 13.15
N SER A 257 -3.67 18.71 13.44
CA SER A 257 -4.05 19.80 12.44
C SER A 257 -3.46 19.66 11.00
N TYR A 258 -2.36 18.94 10.83
CA TYR A 258 -1.81 18.67 9.52
C TYR A 258 -1.99 17.25 9.09
N VAL A 259 -2.87 16.43 9.75
CA VAL A 259 -3.00 15.07 9.30
C VAL A 259 -4.35 14.98 8.58
N THR A 260 -4.37 14.58 7.32
CA THR A 260 -5.66 14.29 6.66
C THR A 260 -5.41 13.30 5.52
N GLY A 261 -6.39 12.51 5.17
CA GLY A 261 -6.26 11.42 4.20
C GLY A 261 -5.33 10.30 4.61
N ALA A 262 -5.00 10.24 5.89
CA ALA A 262 -4.19 9.16 6.47
C ALA A 262 -4.93 8.00 7.10
N VAL A 263 -4.22 6.88 7.22
CA VAL A 263 -4.79 5.74 7.94
C VAL A 263 -3.79 5.54 9.05
N LEU A 264 -4.22 5.63 10.30
CA LEU A 264 -3.32 5.29 11.39
C LEU A 264 -3.69 3.83 11.87
N VAL A 265 -2.74 2.92 11.76
CA VAL A 265 -2.94 1.56 12.29
C VAL A 265 -2.49 1.54 13.76
N ALA A 266 -3.42 1.15 14.65
CA ALA A 266 -3.16 1.00 16.09
C ALA A 266 -3.55 -0.41 16.46
N ASP A 267 -2.64 -1.33 16.27
CA ASP A 267 -2.96 -2.71 16.39
C ASP A 267 -1.84 -3.54 17.00
N GLY A 268 -0.88 -2.88 17.63
CA GLY A 268 0.14 -3.64 18.43
C GLY A 268 0.97 -4.48 17.45
N GLY A 269 0.96 -4.08 16.18
CA GLY A 269 1.70 -4.83 15.15
C GLY A 269 0.98 -6.11 14.66
N ALA A 270 -0.24 -6.38 15.10
CA ALA A 270 -0.86 -7.73 14.91
C ALA A 270 -1.04 -8.13 13.44
N TRP A 271 -1.42 -7.19 12.54
CA TRP A 271 -1.60 -7.60 11.14
C TRP A 271 -0.35 -8.09 10.50
N LEU A 272 0.79 -7.71 11.07
CA LEU A 272 2.11 -8.16 10.57
C LEU A 272 2.39 -9.65 10.88
N THR A 273 1.83 -10.17 11.95
CA THR A 273 2.14 -11.54 12.40
C THR A 273 0.93 -12.49 12.56
N PHE A 274 -0.31 -11.98 12.63
CA PHE A 274 -1.48 -12.85 12.88
C PHE A 274 -1.59 -13.97 11.80
N PRO A 275 -1.96 -15.20 12.21
CA PRO A 275 -2.09 -16.27 11.19
C PRO A 275 -3.26 -15.98 10.26
N ASN A 276 -3.13 -16.37 9.00
CA ASN A 276 -4.24 -16.21 8.10
C ASN A 276 -4.71 -17.55 7.55
N GLN B 2 5.00 1.51 -30.19
CA GLN B 2 3.61 1.52 -30.77
C GLN B 2 2.70 0.33 -30.39
N PRO B 3 1.51 0.63 -29.80
CA PRO B 3 0.67 -0.44 -29.15
C PRO B 3 -0.02 -1.37 -30.16
N PRO B 4 -0.60 -2.52 -29.72
CA PRO B 4 -1.31 -3.40 -30.69
C PRO B 4 -2.49 -2.63 -31.28
N PRO B 5 -2.92 -2.92 -32.53
CA PRO B 5 -4.08 -2.08 -32.97
C PRO B 5 -5.37 -2.26 -32.09
N ASP B 6 -6.18 -1.20 -32.02
CA ASP B 6 -7.49 -1.24 -31.32
C ASP B 6 -8.53 -0.59 -32.27
N VAL B 7 -9.83 -0.75 -31.97
CA VAL B 7 -10.90 -0.05 -32.70
C VAL B 7 -11.79 0.69 -31.67
N GLU B 8 -12.18 1.93 -31.94
CA GLU B 8 -12.92 2.71 -30.94
C GLU B 8 -14.25 2.14 -30.53
N GLY B 9 -15.02 1.55 -31.46
CA GLY B 9 -16.37 1.06 -31.14
C GLY B 9 -16.41 -0.36 -30.56
N ASP B 10 -17.62 -0.85 -30.27
CA ASP B 10 -17.78 -2.24 -29.91
C ASP B 10 -17.78 -3.18 -31.15
N ASP B 11 -16.67 -3.18 -31.87
CA ASP B 11 -16.54 -4.02 -33.08
C ASP B 11 -15.25 -4.80 -32.95
N CYS B 12 -15.19 -5.97 -33.60
CA CYS B 12 -13.93 -6.79 -33.58
C CYS B 12 -12.76 -6.20 -34.29
N LEU B 13 -11.54 -6.62 -33.93
CA LEU B 13 -10.32 -6.07 -34.60
C LEU B 13 -10.40 -6.61 -36.03
N PRO B 14 -10.06 -5.79 -37.01
CA PRO B 14 -10.13 -6.34 -38.38
C PRO B 14 -8.94 -7.30 -38.73
N ALA B 15 -7.81 -7.18 -38.03
CA ALA B 15 -6.66 -8.05 -38.27
C ALA B 15 -6.07 -8.34 -36.89
N TYR B 16 -5.15 -9.28 -36.80
CA TYR B 16 -4.56 -9.62 -35.46
C TYR B 16 -3.27 -10.43 -35.63
N ARG B 17 -2.32 -10.21 -34.76
CA ARG B 17 -1.10 -10.91 -34.75
C ARG B 17 -0.97 -11.60 -33.40
N HIS B 18 -0.80 -12.90 -33.37
CA HIS B 18 -0.72 -13.62 -32.10
C HIS B 18 0.65 -13.42 -31.50
N LEU B 19 0.68 -13.00 -30.22
CA LEU B 19 1.90 -12.96 -29.35
C LEU B 19 1.86 -14.06 -28.29
N PHE B 20 0.66 -14.41 -27.85
CA PHE B 20 0.41 -15.66 -27.17
C PHE B 20 0.10 -16.67 -28.24
N CYS B 21 0.35 -17.94 -27.96
CA CYS B 21 -0.02 -19.04 -28.88
C CYS B 21 -1.54 -19.09 -29.13
N PRO B 22 -2.02 -19.32 -30.39
CA PRO B 22 -3.49 -19.33 -30.65
C PRO B 22 -4.27 -20.41 -29.88
N ASP B 23 -3.57 -21.36 -29.34
CA ASP B 23 -4.25 -22.41 -28.57
C ASP B 23 -4.10 -22.23 -27.03
N LEU B 24 -3.59 -21.08 -26.59
CA LEU B 24 -3.38 -20.87 -25.13
C LEU B 24 -4.60 -21.24 -24.28
N LEU B 25 -5.82 -20.89 -24.68
CA LEU B 25 -7.06 -21.24 -23.93
C LEU B 25 -7.94 -22.25 -24.71
N ARG B 26 -7.31 -23.13 -25.48
CA ARG B 26 -8.12 -23.94 -26.40
C ARG B 26 -9.17 -24.82 -25.67
N ASP B 27 -10.41 -24.67 -26.07
CA ASP B 27 -11.53 -25.41 -25.53
C ASP B 27 -12.05 -25.00 -24.12
N LYS B 28 -11.36 -24.10 -23.47
CA LYS B 28 -11.91 -23.50 -22.24
C LYS B 28 -13.12 -22.58 -22.53
N VAL B 29 -13.78 -22.16 -21.44
CA VAL B 29 -14.99 -21.41 -21.51
C VAL B 29 -14.79 -20.29 -20.48
N ALA B 30 -15.05 -19.07 -20.88
CA ALA B 30 -14.94 -17.93 -19.96
C ALA B 30 -16.28 -17.26 -19.84
N PHE B 31 -16.64 -16.97 -18.62
CA PHE B 31 -17.86 -16.20 -18.38
C PHE B 31 -17.49 -14.75 -18.12
N ILE B 32 -17.96 -13.85 -18.97
CA ILE B 32 -17.54 -12.44 -18.88
C ILE B 32 -18.70 -11.52 -18.55
N THR B 33 -18.77 -10.99 -17.32
CA THR B 33 -19.80 -10.01 -17.03
C THR B 33 -19.43 -8.73 -17.67
N GLY B 34 -20.41 -8.03 -18.26
CA GLY B 34 -20.09 -6.85 -19.01
C GLY B 34 -19.40 -7.09 -20.37
N GLY B 35 -19.53 -8.29 -20.91
CA GLY B 35 -18.82 -8.62 -22.13
C GLY B 35 -19.39 -8.07 -23.45
N GLY B 36 -20.51 -7.32 -23.41
CA GLY B 36 -21.15 -6.71 -24.64
C GLY B 36 -20.61 -5.36 -25.03
N SER B 37 -19.74 -4.71 -24.24
CA SER B 37 -19.29 -3.42 -24.61
C SER B 37 -17.89 -3.11 -24.08
N GLY B 38 -17.28 -2.03 -24.58
CA GLY B 38 -16.02 -1.55 -23.98
C GLY B 38 -14.97 -2.63 -23.77
N ILE B 39 -14.32 -2.58 -22.60
CA ILE B 39 -13.15 -3.48 -22.29
C ILE B 39 -13.62 -4.88 -22.29
N GLY B 40 -14.81 -5.13 -21.72
CA GLY B 40 -15.28 -6.51 -21.61
C GLY B 40 -15.51 -7.22 -22.98
N PHE B 41 -15.95 -6.46 -23.97
CA PHE B 41 -16.09 -6.98 -25.36
C PHE B 41 -14.72 -7.39 -25.98
N ARG B 42 -13.74 -6.54 -25.82
CA ARG B 42 -12.34 -6.78 -26.33
C ARG B 42 -11.69 -7.95 -25.63
N ILE B 43 -11.87 -8.04 -24.30
CA ILE B 43 -11.57 -9.31 -23.54
C ILE B 43 -12.23 -10.52 -24.19
N ALA B 44 -13.56 -10.50 -24.42
CA ALA B 44 -14.16 -11.64 -25.05
C ALA B 44 -13.50 -11.99 -26.40
N GLU B 45 -13.35 -10.97 -27.25
CA GLU B 45 -12.72 -11.11 -28.62
C GLU B 45 -11.31 -11.74 -28.53
N ILE B 46 -10.43 -11.13 -27.75
CA ILE B 46 -9.12 -11.78 -27.52
C ILE B 46 -9.16 -13.19 -26.98
N PHE B 47 -9.98 -13.49 -25.98
CA PHE B 47 -10.08 -14.84 -25.48
C PHE B 47 -10.48 -15.83 -26.61
N MET B 48 -11.52 -15.46 -27.36
CA MET B 48 -11.99 -16.32 -28.51
C MET B 48 -10.93 -16.46 -29.58
N ARG B 49 -10.08 -15.46 -29.79
CA ARG B 49 -8.91 -15.60 -30.73
C ARG B 49 -7.84 -16.55 -30.22
N HIS B 50 -7.87 -16.94 -28.91
CA HIS B 50 -6.96 -17.92 -28.34
C HIS B 50 -7.63 -19.24 -28.00
N GLY B 51 -8.80 -19.54 -28.61
CA GLY B 51 -9.39 -20.85 -28.56
C GLY B 51 -10.56 -21.00 -27.61
N CYS B 52 -10.91 -19.90 -26.91
CA CYS B 52 -11.84 -19.97 -25.74
C CYS B 52 -13.27 -19.68 -26.29
N HIS B 53 -14.28 -20.39 -25.80
CA HIS B 53 -15.65 -19.97 -26.04
C HIS B 53 -16.00 -19.02 -24.94
N THR B 54 -16.97 -18.16 -25.19
CA THR B 54 -17.37 -17.25 -24.14
C THR B 54 -18.83 -17.30 -23.78
N VAL B 55 -19.12 -16.81 -22.57
CA VAL B 55 -20.48 -16.38 -22.20
C VAL B 55 -20.44 -14.92 -21.79
N ILE B 56 -21.21 -14.05 -22.43
CA ILE B 56 -21.16 -12.66 -22.12
C ILE B 56 -22.53 -12.31 -21.51
N ALA B 57 -22.49 -11.53 -20.41
CA ALA B 57 -23.71 -11.36 -19.62
C ALA B 57 -23.76 -9.95 -19.09
N SER B 58 -24.83 -9.20 -19.36
CA SER B 58 -25.04 -7.93 -18.69
C SER B 58 -26.54 -7.63 -18.71
N ARG B 59 -26.97 -6.44 -18.28
CA ARG B 59 -28.41 -6.15 -18.21
C ARG B 59 -29.14 -6.27 -19.54
N SER B 60 -28.63 -5.54 -20.53
CA SER B 60 -29.29 -5.55 -21.80
C SER B 60 -29.08 -6.80 -22.70
N LEU B 61 -30.09 -7.72 -22.76
CA LEU B 61 -30.05 -8.86 -23.73
C LEU B 61 -29.71 -8.36 -25.17
N PRO B 62 -30.28 -7.23 -25.57
CA PRO B 62 -29.92 -6.70 -26.89
C PRO B 62 -28.43 -6.42 -27.14
N ARG B 63 -27.77 -5.85 -26.12
CA ARG B 63 -26.39 -5.42 -26.21
C ARG B 63 -25.57 -6.67 -26.37
N VAL B 64 -25.86 -7.69 -25.57
CA VAL B 64 -25.07 -8.88 -25.69
C VAL B 64 -25.39 -9.70 -26.96
N LEU B 65 -26.63 -9.61 -27.49
CA LEU B 65 -26.94 -10.43 -28.71
C LEU B 65 -26.13 -9.89 -29.86
N THR B 66 -26.12 -8.57 -30.01
CA THR B 66 -25.39 -7.88 -31.05
C THR B 66 -23.91 -8.28 -30.92
N ALA B 67 -23.41 -8.22 -29.68
CA ALA B 67 -21.99 -8.57 -29.44
C ALA B 67 -21.67 -9.99 -29.79
N ALA B 68 -22.53 -10.90 -29.36
CA ALA B 68 -22.26 -12.33 -29.56
C ALA B 68 -22.17 -12.75 -31.05
N ARG B 69 -22.96 -12.08 -31.87
CA ARG B 69 -22.88 -12.30 -33.33
C ARG B 69 -21.58 -11.71 -33.95
N LYS B 70 -21.17 -10.52 -33.54
CA LYS B 70 -19.88 -9.99 -34.00
C LYS B 70 -18.71 -10.87 -33.59
N LEU B 71 -18.72 -11.35 -32.34
CA LEU B 71 -17.63 -12.18 -31.78
C LEU B 71 -17.51 -13.55 -32.48
N ALA B 72 -18.64 -14.22 -32.64
CA ALA B 72 -18.69 -15.51 -33.25
C ALA B 72 -18.25 -15.36 -34.70
N GLY B 73 -18.76 -14.32 -35.37
CA GLY B 73 -18.40 -14.07 -36.75
C GLY B 73 -16.91 -13.85 -36.95
N ALA B 74 -16.23 -13.09 -36.09
CA ALA B 74 -14.81 -12.74 -36.36
C ALA B 74 -13.90 -13.84 -35.92
N THR B 75 -14.38 -14.79 -35.10
CA THR B 75 -13.43 -15.73 -34.54
C THR B 75 -13.75 -17.19 -34.80
N GLY B 76 -14.97 -17.53 -35.24
CA GLY B 76 -15.38 -18.94 -35.30
C GLY B 76 -15.37 -19.73 -34.00
N ARG B 77 -15.63 -19.07 -32.86
CA ARG B 77 -15.77 -19.79 -31.57
C ARG B 77 -17.19 -19.50 -31.10
N ARG B 78 -17.67 -20.15 -30.07
CA ARG B 78 -19.03 -19.90 -29.64
C ARG B 78 -19.12 -18.78 -28.61
N CYS B 79 -20.19 -17.99 -28.71
CA CYS B 79 -20.43 -16.93 -27.74
C CYS B 79 -21.88 -16.99 -27.30
N LEU B 80 -22.15 -17.44 -26.07
CA LEU B 80 -23.51 -17.42 -25.52
C LEU B 80 -23.89 -16.08 -24.84
N PRO B 81 -24.77 -15.25 -25.45
CA PRO B 81 -25.19 -14.05 -24.76
C PRO B 81 -26.33 -14.31 -23.74
N LEU B 82 -26.27 -13.58 -22.61
CA LEU B 82 -27.30 -13.70 -21.56
C LEU B 82 -27.61 -12.38 -20.86
N SER B 83 -28.90 -12.16 -20.51
CA SER B 83 -29.34 -10.98 -19.76
C SER B 83 -29.24 -11.34 -18.30
N MET B 84 -28.56 -10.50 -17.52
CA MET B 84 -28.34 -10.87 -16.16
C MET B 84 -27.89 -9.60 -15.43
N ASP B 85 -28.63 -9.18 -14.40
CA ASP B 85 -28.13 -8.08 -13.57
C ASP B 85 -27.27 -8.70 -12.44
N VAL B 86 -25.97 -8.35 -12.29
CA VAL B 86 -25.14 -8.92 -11.23
C VAL B 86 -25.70 -8.63 -9.83
N ARG B 87 -26.56 -7.64 -9.66
CA ARG B 87 -27.18 -7.43 -8.34
C ARG B 87 -28.32 -8.37 -7.98
N ALA B 88 -28.72 -9.26 -8.91
CA ALA B 88 -29.94 -10.12 -8.66
C ALA B 88 -29.50 -11.54 -8.67
N PRO B 89 -29.27 -12.11 -7.46
CA PRO B 89 -28.72 -13.44 -7.39
C PRO B 89 -29.50 -14.53 -8.21
N PRO B 90 -30.88 -14.54 -8.17
CA PRO B 90 -31.62 -15.50 -9.01
C PRO B 90 -31.27 -15.36 -10.52
N ALA B 91 -31.15 -14.13 -11.01
CA ALA B 91 -30.74 -13.92 -12.40
C ALA B 91 -29.35 -14.45 -12.63
N VAL B 92 -28.45 -14.25 -11.64
CA VAL B 92 -27.09 -14.79 -11.71
C VAL B 92 -27.02 -16.30 -11.72
N MET B 93 -27.75 -16.94 -10.82
CA MET B 93 -27.86 -18.36 -10.79
C MET B 93 -28.41 -18.98 -12.09
N ALA B 94 -29.44 -18.35 -12.62
CA ALA B 94 -30.12 -18.72 -13.87
C ALA B 94 -29.13 -18.72 -15.02
N ALA B 95 -28.37 -17.62 -15.16
CA ALA B 95 -27.34 -17.44 -16.20
C ALA B 95 -26.21 -18.45 -16.11
N VAL B 96 -25.70 -18.68 -14.91
CA VAL B 96 -24.63 -19.63 -14.78
C VAL B 96 -25.19 -21.04 -15.11
N ASP B 97 -26.42 -21.33 -14.71
CA ASP B 97 -26.98 -22.68 -15.00
C ASP B 97 -27.06 -22.92 -16.50
N GLN B 98 -27.49 -21.92 -17.22
CA GLN B 98 -27.57 -22.04 -18.63
C GLN B 98 -26.23 -22.15 -19.28
N ALA B 99 -25.20 -21.50 -18.73
CA ALA B 99 -23.88 -21.51 -19.37
C ALA B 99 -23.37 -22.92 -19.25
N LEU B 100 -23.66 -23.52 -18.11
CA LEU B 100 -23.25 -24.89 -17.90
C LEU B 100 -24.06 -25.87 -18.73
N LYS B 101 -25.32 -25.55 -18.97
CA LYS B 101 -26.17 -26.45 -19.76
C LYS B 101 -25.58 -26.43 -21.19
N GLU B 102 -25.38 -25.24 -21.73
CA GLU B 102 -24.77 -25.09 -23.04
C GLU B 102 -23.32 -25.65 -23.18
N PHE B 103 -22.46 -25.45 -22.17
CA PHE B 103 -21.05 -25.78 -22.35
C PHE B 103 -20.51 -26.90 -21.57
N GLY B 104 -21.16 -27.27 -20.47
CA GLY B 104 -20.68 -28.32 -19.60
C GLY B 104 -19.52 -27.99 -18.67
N ARG B 105 -19.05 -26.74 -18.71
CA ARG B 105 -17.89 -26.32 -17.91
C ARG B 105 -17.77 -24.79 -17.98
N ILE B 106 -17.10 -24.22 -17.00
CA ILE B 106 -16.71 -22.81 -17.08
C ILE B 106 -15.33 -22.86 -16.43
N ASP B 107 -14.32 -22.25 -17.07
CA ASP B 107 -12.95 -22.31 -16.55
C ASP B 107 -12.50 -20.99 -15.94
N ILE B 108 -13.04 -19.91 -16.50
CA ILE B 108 -12.59 -18.50 -16.27
C ILE B 108 -13.78 -17.62 -16.00
N LEU B 109 -13.68 -16.76 -14.99
CA LEU B 109 -14.67 -15.72 -14.80
C LEU B 109 -13.95 -14.39 -14.82
N ILE B 110 -14.47 -13.49 -15.61
CA ILE B 110 -14.02 -12.08 -15.65
C ILE B 110 -15.12 -11.19 -15.18
N ASN B 111 -14.91 -10.60 -14.01
CA ASN B 111 -15.85 -9.59 -13.50
C ASN B 111 -15.52 -8.20 -14.01
N CYS B 112 -16.25 -7.79 -15.04
CA CYS B 112 -15.98 -6.56 -15.70
C CYS B 112 -17.14 -5.56 -15.54
N ALA B 113 -18.33 -6.03 -15.12
CA ALA B 113 -19.54 -5.17 -14.93
C ALA B 113 -19.27 -4.06 -13.88
N ALA B 114 -19.59 -2.80 -14.19
CA ALA B 114 -19.34 -1.64 -13.29
C ALA B 114 -20.29 -0.52 -13.75
N GLY B 115 -20.56 0.42 -12.86
CA GLY B 115 -21.12 1.72 -13.32
C GLY B 115 -20.37 2.84 -12.67
N ASN B 116 -20.31 3.99 -13.34
CA ASN B 116 -19.49 5.10 -12.86
C ASN B 116 -19.97 6.31 -13.61
N PHE B 117 -19.68 7.49 -13.05
CA PHE B 117 -20.10 8.83 -13.58
C PHE B 117 -19.32 9.80 -12.64
N LEU B 118 -19.10 11.03 -13.05
CA LEU B 118 -18.37 12.02 -12.25
C LEU B 118 -19.38 12.66 -11.36
N CYS B 119 -19.15 12.66 -10.03
CA CYS B 119 -20.07 13.43 -9.21
C CYS B 119 -19.32 13.84 -7.92
N PRO B 120 -19.36 15.14 -7.52
CA PRO B 120 -18.71 15.56 -6.23
C PRO B 120 -19.44 14.92 -5.11
N ALA B 121 -18.70 14.53 -4.04
CA ALA B 121 -19.29 13.84 -2.95
C ALA B 121 -20.51 14.56 -2.34
N GLY B 122 -20.42 15.87 -2.27
CA GLY B 122 -21.50 16.70 -1.69
C GLY B 122 -22.83 16.66 -2.46
N ALA B 123 -22.79 16.28 -3.74
CA ALA B 123 -23.98 16.17 -4.55
C ALA B 123 -24.34 14.75 -4.78
N LEU B 124 -23.49 13.83 -4.31
CA LEU B 124 -23.76 12.41 -4.45
C LEU B 124 -24.71 11.88 -3.36
N SER B 125 -25.89 11.38 -3.75
CA SER B 125 -26.81 10.82 -2.79
C SER B 125 -26.34 9.50 -2.25
N PHE B 126 -26.87 9.16 -1.10
CA PHE B 126 -26.66 7.87 -0.47
C PHE B 126 -27.03 6.73 -1.48
N ASN B 127 -28.20 6.85 -2.10
CA ASN B 127 -28.59 5.81 -3.08
C ASN B 127 -27.61 5.75 -4.24
N ALA B 128 -27.12 6.93 -4.69
CA ALA B 128 -26.13 6.97 -5.80
C ALA B 128 -24.88 6.17 -5.37
N PHE B 129 -24.35 6.45 -4.16
CA PHE B 129 -23.11 5.81 -3.71
C PHE B 129 -23.41 4.31 -3.61
N LYS B 130 -24.53 3.93 -3.00
CA LYS B 130 -24.81 2.52 -2.78
C LYS B 130 -25.05 1.75 -4.10
N THR B 131 -25.59 2.41 -5.10
CA THR B 131 -25.79 1.79 -6.44
C THR B 131 -24.44 1.33 -7.01
N VAL B 132 -23.44 2.19 -6.94
CA VAL B 132 -22.06 1.86 -7.38
C VAL B 132 -21.45 0.71 -6.55
N MET B 133 -21.62 0.73 -5.19
CA MET B 133 -21.16 -0.34 -4.34
CA MET B 133 -21.18 -0.36 -4.32
C MET B 133 -21.88 -1.62 -4.78
N ASP B 134 -23.19 -1.51 -5.04
CA ASP B 134 -24.01 -2.71 -5.33
C ASP B 134 -23.53 -3.39 -6.63
N ILE B 135 -23.31 -2.61 -7.65
CA ILE B 135 -22.96 -3.23 -8.98
C ILE B 135 -21.53 -3.72 -8.94
N ASP B 136 -20.64 -2.84 -8.54
CA ASP B 136 -19.20 -3.17 -8.57
C ASP B 136 -18.78 -4.19 -7.54
N THR B 137 -19.16 -3.98 -6.27
CA THR B 137 -18.66 -4.83 -5.25
C THR B 137 -19.55 -6.04 -4.92
N SER B 138 -20.79 -5.78 -4.50
CA SER B 138 -21.70 -6.87 -4.28
C SER B 138 -21.94 -7.66 -5.55
N GLY B 139 -22.01 -7.01 -6.72
CA GLY B 139 -22.10 -7.81 -7.97
C GLY B 139 -20.96 -8.79 -8.20
N THR B 140 -19.71 -8.30 -7.99
CA THR B 140 -18.54 -9.11 -8.18
C THR B 140 -18.58 -10.26 -7.19
N PHE B 141 -18.94 -9.95 -5.92
CA PHE B 141 -19.05 -11.03 -4.97
C PHE B 141 -20.14 -12.02 -5.43
N ASN B 142 -21.29 -11.50 -5.82
CA ASN B 142 -22.43 -12.39 -6.18
C ASN B 142 -22.05 -13.40 -7.23
N VAL B 143 -21.44 -12.91 -8.30
CA VAL B 143 -21.11 -13.78 -9.48
C VAL B 143 -20.02 -14.78 -9.06
N SER B 144 -19.02 -14.29 -8.34
CA SER B 144 -17.95 -15.16 -7.89
C SER B 144 -18.47 -16.32 -7.03
N ARG B 145 -19.31 -15.96 -6.06
CA ARG B 145 -19.93 -16.86 -5.10
C ARG B 145 -20.85 -17.87 -5.87
N VAL B 146 -21.56 -17.40 -6.87
CA VAL B 146 -22.35 -18.40 -7.67
C VAL B 146 -21.51 -19.39 -8.48
N LEU B 147 -20.54 -18.85 -9.22
CA LEU B 147 -19.54 -19.68 -9.87
C LEU B 147 -18.83 -20.64 -8.97
N TYR B 148 -18.50 -20.23 -7.73
CA TYR B 148 -17.89 -21.16 -6.79
C TYR B 148 -18.81 -22.36 -6.46
N GLU B 149 -20.02 -22.05 -6.03
CA GLU B 149 -20.99 -23.10 -5.68
C GLU B 149 -21.32 -24.06 -6.86
N LYS B 150 -21.56 -23.47 -8.01
CA LYS B 150 -21.98 -24.23 -9.20
C LYS B 150 -20.87 -24.94 -9.99
N PHE B 151 -19.65 -24.49 -9.90
CA PHE B 151 -18.60 -25.15 -10.64
C PHE B 151 -17.16 -25.05 -10.10
N PHE B 152 -16.73 -23.86 -9.70
CA PHE B 152 -15.33 -23.74 -9.32
C PHE B 152 -14.91 -24.54 -8.09
N ARG B 153 -15.76 -24.59 -7.05
CA ARG B 153 -15.40 -25.30 -5.78
C ARG B 153 -14.99 -26.73 -6.08
N ASP B 154 -15.66 -27.35 -7.06
CA ASP B 154 -15.35 -28.76 -7.40
C ASP B 154 -14.34 -28.96 -8.53
N HIS B 155 -14.18 -27.98 -9.39
CA HIS B 155 -13.32 -28.11 -10.60
C HIS B 155 -12.19 -27.15 -10.69
N GLY B 156 -12.06 -26.23 -9.72
CA GLY B 156 -11.07 -25.16 -9.78
C GLY B 156 -11.50 -24.14 -10.84
N GLY B 157 -10.68 -23.12 -11.05
CA GLY B 157 -11.04 -22.02 -11.98
C GLY B 157 -10.14 -20.81 -11.82
N VAL B 158 -10.36 -19.78 -12.60
CA VAL B 158 -9.55 -18.58 -12.46
C VAL B 158 -10.50 -17.44 -12.55
N ILE B 159 -10.34 -16.45 -11.66
CA ILE B 159 -11.19 -15.30 -11.72
C ILE B 159 -10.27 -14.10 -11.93
N VAL B 160 -10.67 -13.19 -12.80
CA VAL B 160 -9.98 -11.89 -12.89
C VAL B 160 -11.05 -10.86 -12.59
N ASN B 161 -10.78 -10.01 -11.60
CA ASN B 161 -11.58 -8.82 -11.35
C ASN B 161 -11.00 -7.57 -11.97
N ILE B 162 -11.84 -6.81 -12.71
CA ILE B 162 -11.36 -5.56 -13.31
C ILE B 162 -11.62 -4.44 -12.31
N THR B 163 -10.57 -3.80 -11.86
CA THR B 163 -10.72 -2.76 -10.87
C THR B 163 -10.26 -1.40 -11.39
N ALA B 164 -9.55 -0.61 -10.60
CA ALA B 164 -9.17 0.76 -11.00
C ALA B 164 -8.08 1.24 -10.00
N THR B 165 -7.46 2.37 -10.25
CA THR B 165 -6.48 2.91 -9.31
C THR B 165 -7.11 4.12 -8.59
N LEU B 166 -8.41 4.42 -8.78
CA LEU B 166 -8.97 5.68 -8.29
C LEU B 166 -8.78 5.87 -6.76
N GLY B 167 -9.00 4.76 -6.04
CA GLY B 167 -8.85 4.73 -4.57
C GLY B 167 -7.46 5.01 -4.00
N ASN B 168 -6.40 4.86 -4.81
CA ASN B 168 -5.01 5.03 -4.30
C ASN B 168 -4.75 6.43 -3.76
N ARG B 169 -5.10 7.46 -4.56
CA ARG B 169 -4.94 8.86 -4.13
C ARG B 169 -6.29 9.56 -3.89
N GLY B 170 -7.40 8.82 -3.93
CA GLY B 170 -8.68 9.48 -3.60
C GLY B 170 -9.06 10.46 -4.73
N GLN B 171 -9.08 9.98 -5.94
CA GLN B 171 -9.41 10.83 -7.10
C GLN B 171 -10.76 11.60 -6.97
N ALA B 172 -10.69 12.93 -7.15
CA ALA B 172 -11.89 13.80 -7.08
C ALA B 172 -12.99 13.40 -8.04
N LEU B 173 -14.22 13.60 -7.58
CA LEU B 173 -15.47 13.24 -8.28
C LEU B 173 -15.75 11.75 -8.38
N GLN B 174 -14.95 10.92 -7.66
CA GLN B 174 -15.01 9.51 -7.81
C GLN B 174 -15.01 8.72 -6.51
N VAL B 175 -15.62 9.25 -5.44
CA VAL B 175 -15.61 8.56 -4.12
C VAL B 175 -16.28 7.22 -4.21
N HIS B 176 -17.40 7.18 -4.94
CA HIS B 176 -18.13 5.97 -5.16
C HIS B 176 -17.35 4.92 -5.88
N ALA B 177 -16.77 5.22 -7.03
CA ALA B 177 -16.06 4.22 -7.79
C ALA B 177 -14.77 3.80 -7.04
N GLY B 178 -14.04 4.82 -6.57
CA GLY B 178 -12.80 4.59 -5.77
C GLY B 178 -13.03 3.64 -4.61
N SER B 179 -14.12 3.90 -3.85
CA SER B 179 -14.43 3.03 -2.71
C SER B 179 -14.83 1.65 -3.16
N ALA B 180 -15.69 1.59 -4.18
CA ALA B 180 -16.14 0.25 -4.68
C ALA B 180 -15.00 -0.59 -5.20
N LYS B 181 -14.11 -0.01 -6.02
CA LYS B 181 -13.07 -0.87 -6.61
C LYS B 181 -11.95 -1.20 -5.60
N ALA B 182 -11.72 -0.34 -4.63
CA ALA B 182 -10.82 -0.66 -3.50
C ALA B 182 -11.39 -1.89 -2.76
N ALA B 183 -12.71 -1.96 -2.58
CA ALA B 183 -13.27 -3.12 -1.87
C ALA B 183 -13.04 -4.40 -2.73
N VAL B 184 -13.14 -4.26 -4.07
CA VAL B 184 -12.91 -5.41 -4.96
C VAL B 184 -11.46 -5.90 -4.89
N ASP B 185 -10.49 -4.99 -4.82
CA ASP B 185 -9.11 -5.40 -4.67
C ASP B 185 -8.91 -6.15 -3.34
N ALA B 186 -9.56 -5.71 -2.28
CA ALA B 186 -9.46 -6.40 -0.99
C ALA B 186 -10.16 -7.78 -1.14
N MET B 187 -11.34 -7.84 -1.75
CA MET B 187 -12.02 -9.12 -1.94
C MET B 187 -11.20 -10.13 -2.71
N THR B 188 -10.42 -9.66 -3.68
CA THR B 188 -9.49 -10.48 -4.43
C THR B 188 -8.52 -11.19 -3.56
N ARG B 189 -7.94 -10.48 -2.60
CA ARG B 189 -7.03 -11.09 -1.64
C ARG B 189 -7.76 -12.15 -0.80
N HIS B 190 -8.90 -11.73 -0.28
CA HIS B 190 -9.64 -12.67 0.53
C HIS B 190 -10.03 -13.95 -0.19
N LEU B 191 -10.54 -13.83 -1.38
CA LEU B 191 -10.97 -15.03 -2.09
C LEU B 191 -9.72 -15.84 -2.50
N ALA B 192 -8.63 -15.19 -2.88
CA ALA B 192 -7.41 -15.93 -3.17
C ALA B 192 -7.00 -16.82 -2.03
N VAL B 193 -7.05 -16.28 -0.80
CA VAL B 193 -6.70 -17.06 0.40
C VAL B 193 -7.67 -18.27 0.59
N GLU B 194 -8.98 -17.99 0.65
CA GLU B 194 -9.92 -19.02 1.00
C GLU B 194 -10.08 -20.03 -0.15
N TRP B 195 -9.95 -19.60 -1.42
CA TRP B 195 -10.28 -20.52 -2.50
C TRP B 195 -9.14 -21.14 -3.21
N GLY B 196 -7.91 -20.70 -2.87
CA GLY B 196 -6.67 -21.29 -3.46
C GLY B 196 -6.61 -22.83 -3.27
N PRO B 197 -6.87 -23.36 -2.04
CA PRO B 197 -6.96 -24.82 -1.77
C PRO B 197 -7.98 -25.55 -2.69
N GLN B 198 -8.99 -24.85 -3.24
CA GLN B 198 -9.87 -25.46 -4.26
C GLN B 198 -9.33 -25.30 -5.70
N ASN B 199 -8.06 -24.91 -5.84
CA ASN B 199 -7.39 -24.64 -7.13
C ASN B 199 -8.08 -23.50 -7.91
N ILE B 200 -8.43 -22.42 -7.19
CA ILE B 200 -8.99 -21.23 -7.80
C ILE B 200 -7.95 -20.13 -7.55
N ARG B 201 -7.48 -19.51 -8.63
CA ARG B 201 -6.71 -18.30 -8.61
C ARG B 201 -7.62 -17.07 -8.78
N VAL B 202 -7.26 -15.98 -8.12
CA VAL B 202 -8.12 -14.82 -8.10
C VAL B 202 -7.16 -13.65 -8.10
N ASN B 203 -7.28 -12.80 -9.11
CA ASN B 203 -6.46 -11.55 -9.30
C ASN B 203 -7.28 -10.37 -9.78
N SER B 204 -6.75 -9.17 -9.61
CA SER B 204 -7.30 -7.97 -10.19
C SER B 204 -6.37 -7.40 -11.22
N LEU B 205 -6.99 -6.72 -12.15
CA LEU B 205 -6.34 -5.94 -13.16
C LEU B 205 -6.91 -4.53 -13.11
N ALA B 206 -6.06 -3.56 -12.88
CA ALA B 206 -6.59 -2.24 -12.69
C ALA B 206 -6.17 -1.46 -13.99
N PRO B 207 -7.11 -1.17 -14.93
CA PRO B 207 -6.72 -0.38 -16.15
C PRO B 207 -6.53 1.14 -15.90
N GLY B 208 -5.70 1.80 -16.69
CA GLY B 208 -5.71 3.24 -16.73
C GLY B 208 -6.83 3.78 -17.66
N PRO B 209 -6.67 5.04 -18.16
CA PRO B 209 -7.65 5.71 -19.03
C PRO B 209 -7.56 4.99 -20.34
N ILE B 210 -8.64 4.35 -20.79
CA ILE B 210 -8.51 3.50 -21.96
C ILE B 210 -9.35 4.14 -23.11
N SER B 211 -8.74 4.36 -24.28
CA SER B 211 -9.48 4.96 -25.42
C SER B 211 -10.65 4.06 -25.91
N GLY B 212 -11.70 4.69 -26.45
CA GLY B 212 -12.77 3.93 -27.07
C GLY B 212 -13.64 3.21 -26.09
N THR B 213 -13.88 3.81 -24.91
CA THR B 213 -14.71 3.15 -23.89
C THR B 213 -15.67 4.18 -23.34
N GLU B 214 -16.82 3.67 -22.90
CA GLU B 214 -17.85 4.45 -22.06
C GLU B 214 -17.17 5.08 -20.84
N GLY B 215 -16.34 4.30 -20.14
CA GLY B 215 -15.63 4.90 -19.00
C GLY B 215 -14.83 6.16 -19.38
N LEU B 216 -14.06 6.14 -20.45
CA LEU B 216 -13.34 7.34 -20.89
C LEU B 216 -14.26 8.47 -21.36
N ARG B 217 -15.34 8.11 -22.07
CA ARG B 217 -16.30 9.15 -22.49
C ARG B 217 -17.00 9.85 -21.25
N ARG B 218 -17.44 9.08 -20.30
CA ARG B 218 -18.02 9.61 -19.08
C ARG B 218 -17.05 10.34 -18.19
N LEU B 219 -15.85 9.85 -18.06
CA LEU B 219 -15.01 10.27 -16.94
C LEU B 219 -13.81 11.07 -17.34
N GLY B 220 -13.47 11.07 -18.64
CA GLY B 220 -12.24 11.68 -19.11
C GLY B 220 -12.20 13.18 -18.97
N GLY B 221 -13.37 13.83 -18.94
CA GLY B 221 -13.44 15.28 -18.81
C GLY B 221 -13.22 15.95 -20.17
N PRO B 222 -13.10 17.31 -20.23
CA PRO B 222 -12.92 18.02 -21.54
C PRO B 222 -11.63 17.59 -22.28
N GLN B 223 -11.71 17.46 -23.62
CA GLN B 223 -10.60 16.91 -24.43
C GLN B 223 -9.25 17.62 -24.36
N ALA B 224 -9.26 18.93 -24.13
CA ALA B 224 -8.00 19.67 -24.02
C ALA B 224 -7.30 19.38 -22.70
N SER B 225 -8.03 19.42 -21.57
CA SER B 225 -7.43 19.02 -20.26
C SER B 225 -7.05 17.49 -20.18
N LEU B 226 -7.86 16.64 -20.82
CA LEU B 226 -7.49 15.25 -21.11
C LEU B 226 -6.16 15.09 -21.80
N SER B 227 -6.02 15.67 -22.99
CA SER B 227 -4.75 15.53 -23.67
C SER B 227 -3.59 15.99 -22.81
N THR B 228 -3.75 17.08 -22.06
CA THR B 228 -2.64 17.64 -21.31
C THR B 228 -2.16 16.66 -20.18
N LYS B 229 -3.10 16.08 -19.43
CA LYS B 229 -2.75 15.09 -18.44
C LYS B 229 -2.18 13.80 -19.12
N VAL B 230 -2.76 13.39 -20.24
CA VAL B 230 -2.21 12.18 -20.95
C VAL B 230 -0.76 12.41 -21.39
N THR B 231 -0.51 13.56 -21.98
CA THR B 231 0.86 13.92 -22.37
C THR B 231 1.85 14.03 -21.21
N ALA B 232 1.35 14.35 -20.03
CA ALA B 232 2.17 14.42 -18.87
C ALA B 232 2.32 13.08 -18.14
N SER B 233 1.60 12.05 -18.59
CA SER B 233 1.71 10.72 -17.98
C SER B 233 2.96 9.97 -18.54
N PRO B 234 3.41 8.93 -17.84
CA PRO B 234 4.70 8.41 -18.27
C PRO B 234 4.81 7.87 -19.76
N LEU B 235 3.81 7.19 -20.27
CA LEU B 235 3.93 6.61 -21.62
C LEU B 235 3.33 7.59 -22.63
N GLN B 236 2.83 8.72 -22.10
CA GLN B 236 2.35 9.82 -22.91
C GLN B 236 1.20 9.40 -23.78
N ARG B 237 0.40 8.41 -23.43
CA ARG B 237 -0.74 8.10 -24.29
C ARG B 237 -1.80 7.45 -23.46
N LEU B 238 -2.99 7.35 -24.05
CA LEU B 238 -4.07 6.55 -23.54
C LEU B 238 -3.74 5.09 -23.77
N GLY B 239 -4.20 4.22 -22.88
CA GLY B 239 -4.12 2.78 -23.22
C GLY B 239 -5.21 2.42 -24.21
N ASN B 240 -5.10 1.25 -24.81
CA ASN B 240 -6.22 0.81 -25.65
C ASN B 240 -6.77 -0.49 -25.15
N LYS B 241 -7.94 -0.89 -25.62
CA LYS B 241 -8.62 -2.03 -25.07
C LYS B 241 -7.88 -3.31 -25.32
N THR B 242 -7.19 -3.40 -26.46
CA THR B 242 -6.49 -4.63 -26.74
C THR B 242 -5.34 -4.85 -25.74
N GLU B 243 -4.64 -3.79 -25.38
CA GLU B 243 -3.53 -3.90 -24.38
C GLU B 243 -4.09 -4.43 -23.06
N ILE B 244 -5.23 -3.89 -22.66
CA ILE B 244 -5.91 -4.38 -21.43
C ILE B 244 -6.32 -5.84 -21.56
N ALA B 245 -6.93 -6.24 -22.71
CA ALA B 245 -7.32 -7.64 -22.93
C ALA B 245 -6.09 -8.57 -22.85
N HIS B 246 -4.94 -8.13 -23.31
CA HIS B 246 -3.73 -8.93 -23.22
C HIS B 246 -3.28 -9.18 -21.78
N SER B 247 -3.39 -8.17 -20.93
CA SER B 247 -3.00 -8.39 -19.50
C SER B 247 -3.97 -9.31 -18.75
N VAL B 248 -5.25 -9.12 -19.03
CA VAL B 248 -6.30 -10.01 -18.55
C VAL B 248 -6.08 -11.42 -19.05
N LEU B 249 -5.74 -11.59 -20.33
CA LEU B 249 -5.49 -12.91 -20.86
C LEU B 249 -4.25 -13.52 -20.12
N TYR B 250 -3.18 -12.75 -19.95
CA TYR B 250 -2.01 -13.26 -19.18
C TYR B 250 -2.55 -13.83 -17.83
N LEU B 251 -3.30 -13.03 -17.07
CA LEU B 251 -3.76 -13.42 -15.73
C LEU B 251 -4.76 -14.61 -15.71
N ALA B 252 -5.53 -14.79 -16.78
CA ALA B 252 -6.56 -15.81 -16.80
C ALA B 252 -5.96 -17.11 -17.34
N SER B 253 -4.73 -17.02 -17.85
CA SER B 253 -4.09 -18.18 -18.45
C SER B 253 -3.04 -18.97 -17.61
N PRO B 254 -2.62 -20.16 -18.10
CA PRO B 254 -1.65 -20.99 -17.36
C PRO B 254 -0.27 -20.31 -17.34
N LEU B 255 -0.09 -19.22 -18.08
CA LEU B 255 1.13 -18.43 -17.91
C LEU B 255 1.24 -17.79 -16.52
N ALA B 256 0.08 -17.63 -15.89
CA ALA B 256 -0.04 -17.00 -14.58
C ALA B 256 -0.34 -18.06 -13.51
N SER B 257 0.07 -19.33 -13.72
CA SER B 257 -0.29 -20.43 -12.81
C SER B 257 0.19 -20.17 -11.35
N TYR B 258 1.16 -19.33 -11.14
CA TYR B 258 1.58 -19.03 -9.78
C TYR B 258 1.21 -17.64 -9.24
N VAL B 259 0.23 -17.02 -9.84
CA VAL B 259 -0.09 -15.65 -9.53
C VAL B 259 -1.50 -15.72 -8.96
N THR B 260 -1.62 -15.32 -7.72
CA THR B 260 -2.90 -15.27 -7.11
C THR B 260 -2.90 -14.23 -6.02
N GLY B 261 -4.06 -13.59 -5.84
CA GLY B 261 -4.21 -12.58 -4.79
C GLY B 261 -3.50 -11.26 -5.14
N ALA B 262 -3.13 -11.12 -6.42
CA ALA B 262 -2.38 -9.96 -6.90
C ALA B 262 -3.21 -8.95 -7.63
N VAL B 263 -2.72 -7.69 -7.65
CA VAL B 263 -3.37 -6.59 -8.39
C VAL B 263 -2.33 -6.21 -9.36
N LEU B 264 -2.59 -6.46 -10.65
CA LEU B 264 -1.73 -5.95 -11.73
C LEU B 264 -2.27 -4.60 -12.20
N VAL B 265 -1.48 -3.54 -12.03
CA VAL B 265 -1.85 -2.27 -12.59
C VAL B 265 -1.36 -2.13 -14.05
N ALA B 266 -2.32 -1.92 -14.96
CA ALA B 266 -1.95 -1.74 -16.34
C ALA B 266 -2.52 -0.35 -16.72
N ASP B 267 -1.79 0.70 -16.44
CA ASP B 267 -2.30 2.05 -16.64
C ASP B 267 -1.27 3.02 -17.20
N GLY B 268 -0.19 2.51 -17.77
CA GLY B 268 0.79 3.37 -18.45
C GLY B 268 1.43 4.27 -17.37
N GLY B 269 1.37 3.90 -16.08
CA GLY B 269 1.96 4.86 -15.09
C GLY B 269 1.04 5.98 -14.66
N ALA B 270 -0.17 5.99 -15.16
CA ALA B 270 -0.97 7.25 -15.13
C ALA B 270 -1.35 7.67 -13.70
N TRP B 271 -1.62 6.71 -12.83
CA TRP B 271 -1.96 7.06 -11.43
C TRP B 271 -0.83 7.77 -10.73
N LEU B 272 0.40 7.47 -11.09
CA LEU B 272 1.54 8.20 -10.52
C LEU B 272 1.59 9.69 -10.81
N THR B 273 1.04 10.12 -11.94
CA THR B 273 1.21 11.48 -12.38
C THR B 273 -0.11 12.22 -12.63
N PHE B 274 -1.21 11.49 -12.84
CA PHE B 274 -2.47 12.23 -13.15
C PHE B 274 -2.82 13.30 -12.08
N PRO B 275 -3.41 14.44 -12.52
CA PRO B 275 -3.77 15.47 -11.50
C PRO B 275 -4.99 15.03 -10.70
N ASN B 276 -5.09 15.57 -9.49
CA ASN B 276 -6.19 15.23 -8.62
C ASN B 276 -6.69 16.58 -8.08
N GLY B 277 -7.22 17.42 -8.99
CA GLY B 277 -7.54 18.84 -8.75
C GLY B 277 -8.81 18.95 -7.93
N ALA C 1 -8.64 27.02 9.60
CA ALA C 1 -8.28 26.66 11.02
C ALA C 1 -6.80 26.93 11.23
N GLN C 2 -6.47 27.58 12.34
CA GLN C 2 -5.11 28.09 12.58
C GLN C 2 -4.11 27.07 13.13
N PRO C 3 -3.07 26.72 12.33
CA PRO C 3 -1.97 25.85 12.79
C PRO C 3 -1.32 26.34 14.09
N PRO C 4 -0.67 25.42 14.85
CA PRO C 4 0.05 25.93 16.02
C PRO C 4 1.18 26.86 15.54
N PRO C 5 1.67 27.75 16.41
CA PRO C 5 2.66 28.68 15.77
C PRO C 5 4.02 28.00 15.57
N ASP C 6 4.81 28.57 14.67
CA ASP C 6 6.16 28.07 14.37
C ASP C 6 7.03 29.30 14.07
N VAL C 7 8.34 29.12 14.05
CA VAL C 7 9.22 30.20 13.56
C VAL C 7 10.11 29.60 12.48
N GLU C 8 10.63 30.44 11.63
CA GLU C 8 11.22 29.97 10.38
C GLU C 8 12.64 29.45 10.54
N GLY C 9 13.38 30.00 11.51
CA GLY C 9 14.82 29.72 11.64
C GLY C 9 14.92 28.63 12.70
N ASP C 10 16.15 28.22 13.05
CA ASP C 10 16.34 27.18 14.10
C ASP C 10 16.38 27.86 15.46
N ASP C 11 15.26 28.47 15.82
CA ASP C 11 15.10 29.23 17.05
C ASP C 11 13.85 28.68 17.75
N CYS C 12 13.80 28.85 19.06
CA CYS C 12 12.72 28.28 19.86
C CYS C 12 11.47 29.14 19.73
N LEU C 13 10.33 28.57 20.11
CA LEU C 13 9.08 29.33 20.03
C LEU C 13 9.07 30.38 21.16
N PRO C 14 8.54 31.60 20.85
CA PRO C 14 8.42 32.64 21.84
C PRO C 14 7.39 32.27 22.92
N ALA C 15 6.34 31.52 22.54
CA ALA C 15 5.25 31.16 23.47
C ALA C 15 4.74 29.79 23.00
N TYR C 16 4.10 29.07 23.88
CA TYR C 16 3.57 27.78 23.41
C TYR C 16 2.47 27.46 24.35
N ARG C 17 1.33 27.08 23.79
CA ARG C 17 0.22 26.61 24.65
C ARG C 17 0.17 25.09 24.64
N HIS C 18 0.12 24.49 25.80
CA HIS C 18 0.10 23.00 25.83
C HIS C 18 -1.23 22.43 25.40
N LEU C 19 -1.17 21.40 24.58
CA LEU C 19 -2.31 20.59 24.17
C LEU C 19 -2.10 19.13 24.74
N PHE C 20 -0.86 18.65 24.77
CA PHE C 20 -0.46 17.52 25.57
C PHE C 20 -0.11 18.03 27.00
N CYS C 21 -0.29 17.23 28.03
CA CYS C 21 0.16 17.65 29.40
C CYS C 21 1.65 17.96 29.41
N PRO C 22 2.03 18.97 30.16
CA PRO C 22 3.44 19.40 30.16
C PRO C 22 4.32 18.38 30.87
N ASP C 23 3.74 17.40 31.56
CA ASP C 23 4.61 16.29 32.07
C ASP C 23 4.56 15.00 31.25
N LEU C 24 4.05 15.07 30.04
CA LEU C 24 3.91 13.84 29.21
C LEU C 24 5.15 12.97 29.17
N LEU C 25 6.31 13.59 29.04
CA LEU C 25 7.62 12.90 28.96
C LEU C 25 8.49 13.32 30.16
N ARG C 26 7.83 13.52 31.29
CA ARG C 26 8.54 14.04 32.48
C ARG C 26 9.81 13.23 32.74
N ASP C 27 10.95 13.92 32.66
CA ASP C 27 12.30 13.34 32.98
C ASP C 27 12.76 12.13 32.11
N LYS C 28 12.11 11.91 30.99
CA LYS C 28 12.61 10.92 30.03
C LYS C 28 13.78 11.51 29.29
N VAL C 29 14.44 10.72 28.40
CA VAL C 29 15.60 11.24 27.65
C VAL C 29 15.38 10.76 26.21
N ALA C 30 15.49 11.70 25.26
CA ALA C 30 15.34 11.36 23.85
C ALA C 30 16.65 11.67 23.13
N PHE C 31 17.12 10.73 22.32
CA PHE C 31 18.26 10.88 21.46
C PHE C 31 17.73 11.21 20.02
N ILE C 32 18.08 12.36 19.48
CA ILE C 32 17.52 12.84 18.25
C ILE C 32 18.67 13.10 17.27
N THR C 33 18.76 12.28 16.22
CA THR C 33 19.81 12.54 15.21
C THR C 33 19.29 13.68 14.34
N GLY C 34 20.15 14.60 13.88
CA GLY C 34 19.62 15.82 13.21
C GLY C 34 18.87 16.78 14.06
N GLY C 35 19.08 16.72 15.37
CA GLY C 35 18.35 17.58 16.29
C GLY C 35 18.86 19.00 16.34
N GLY C 36 19.89 19.30 15.53
CA GLY C 36 20.40 20.67 15.49
C GLY C 36 19.77 21.66 14.53
N SER C 37 18.92 21.19 13.63
CA SER C 37 18.35 22.10 12.67
C SER C 37 16.95 21.61 12.29
N GLY C 38 16.19 22.50 11.69
CA GLY C 38 15.03 22.04 10.94
C GLY C 38 14.01 21.33 11.82
N ILE C 39 13.41 20.28 11.26
CA ILE C 39 12.37 19.50 11.96
C ILE C 39 12.94 18.94 13.22
N GLY C 40 14.15 18.34 13.19
CA GLY C 40 14.77 17.77 14.39
C GLY C 40 14.95 18.75 15.53
N PHE C 41 15.30 20.00 15.23
CA PHE C 41 15.39 21.00 16.28
C PHE C 41 14.02 21.26 16.95
N ARG C 42 12.99 21.43 16.14
CA ARG C 42 11.63 21.70 16.68
C ARG C 42 11.14 20.47 17.50
N ILE C 43 11.48 19.27 17.04
CA ILE C 43 11.18 18.06 17.79
C ILE C 43 11.86 18.10 19.17
N ALA C 44 13.16 18.41 19.17
CA ALA C 44 13.88 18.62 20.41
C ALA C 44 13.20 19.65 21.31
N GLU C 45 12.79 20.80 20.75
CA GLU C 45 12.19 21.84 21.61
C GLU C 45 10.86 21.36 22.19
N ILE C 46 10.03 20.76 21.33
CA ILE C 46 8.69 20.31 21.80
C ILE C 46 8.84 19.21 22.83
N PHE C 47 9.76 18.25 22.63
CA PHE C 47 9.93 17.25 23.63
C PHE C 47 10.33 17.88 24.94
N MET C 48 11.27 18.81 24.90
CA MET C 48 11.73 19.40 26.17
C MET C 48 10.66 20.25 26.84
N ARG C 49 9.75 20.79 26.06
CA ARG C 49 8.57 21.50 26.65
C ARG C 49 7.60 20.52 27.37
N HIS C 50 7.80 19.24 27.18
CA HIS C 50 6.99 18.18 27.83
C HIS C 50 7.77 17.36 28.75
N GLY C 51 8.89 17.91 29.21
CA GLY C 51 9.65 17.39 30.32
C GLY C 51 10.82 16.54 30.04
N CYS C 52 11.08 16.32 28.75
CA CYS C 52 12.07 15.39 28.31
C CYS C 52 13.45 16.14 28.20
N HIS C 53 14.54 15.46 28.58
CA HIS C 53 15.91 15.90 28.30
C HIS C 53 16.28 15.33 26.96
N THR C 54 17.16 16.00 26.24
CA THR C 54 17.55 15.54 24.92
C THR C 54 19.05 15.40 24.69
N VAL C 55 19.37 14.56 23.74
CA VAL C 55 20.67 14.42 23.19
C VAL C 55 20.48 14.78 21.70
N ILE C 56 21.27 15.68 21.19
CA ILE C 56 21.02 16.05 19.74
C ILE C 56 22.35 15.71 19.06
N ALA C 57 22.31 14.96 17.95
CA ALA C 57 23.60 14.43 17.42
C ALA C 57 23.60 14.59 15.96
N SER C 58 24.61 15.28 15.39
CA SER C 58 24.76 15.33 13.91
C SER C 58 26.22 15.58 13.58
N ARG C 59 26.52 15.78 12.30
CA ARG C 59 27.92 16.00 11.97
C ARG C 59 28.58 17.24 12.57
N SER C 60 27.86 18.33 12.63
CA SER C 60 28.53 19.60 12.81
C SER C 60 28.46 19.97 14.26
N LEU C 61 29.57 19.87 14.97
CA LEU C 61 29.58 20.25 16.36
C LEU C 61 29.15 21.72 16.65
N PRO C 62 29.61 22.73 15.85
CA PRO C 62 29.11 24.10 15.93
C PRO C 62 27.54 24.18 15.87
N ARG C 63 26.95 23.46 14.92
CA ARG C 63 25.48 23.45 14.83
C ARG C 63 24.78 22.95 16.13
N VAL C 64 25.21 21.80 16.67
CA VAL C 64 24.56 21.27 17.86
C VAL C 64 24.93 22.08 19.11
N LEU C 65 26.12 22.68 19.17
CA LEU C 65 26.41 23.46 20.37
C LEU C 65 25.45 24.67 20.47
N THR C 66 25.24 25.33 19.35
CA THR C 66 24.35 26.49 19.29
C THR C 66 22.89 26.09 19.54
N ALA C 67 22.46 25.03 18.89
CA ALA C 67 21.08 24.46 19.19
C ALA C 67 20.89 24.21 20.65
N ALA C 68 21.83 23.46 21.22
CA ALA C 68 21.70 23.02 22.61
C ALA C 68 21.66 24.18 23.59
N ARG C 69 22.48 25.22 23.35
CA ARG C 69 22.35 26.46 24.15
C ARG C 69 20.94 27.03 24.08
N LYS C 70 20.40 27.14 22.86
CA LYS C 70 19.07 27.75 22.66
C LYS C 70 17.96 26.92 23.31
N LEU C 71 17.98 25.60 23.09
CA LEU C 71 16.99 24.63 23.65
C LEU C 71 16.96 24.65 25.15
N ALA C 72 18.13 24.55 25.77
CA ALA C 72 18.21 24.59 27.22
C ALA C 72 17.78 25.97 27.74
N GLY C 73 18.12 27.04 27.02
CA GLY C 73 17.71 28.46 27.33
C GLY C 73 16.19 28.60 27.40
N ALA C 74 15.50 28.00 26.45
CA ALA C 74 14.06 28.28 26.30
C ALA C 74 13.19 27.38 27.13
N THR C 75 13.69 26.20 27.53
CA THR C 75 12.80 25.23 28.15
C THR C 75 13.20 24.85 29.57
N GLY C 76 14.39 25.17 30.05
CA GLY C 76 14.76 24.69 31.36
C GLY C 76 15.04 23.20 31.48
N ARG C 77 15.10 22.50 30.35
CA ARG C 77 15.58 21.07 30.44
C ARG C 77 17.01 21.04 29.87
N ARG C 78 17.64 19.87 29.89
CA ARG C 78 19.05 19.69 29.52
C ARG C 78 19.10 19.13 28.14
N CYS C 79 20.10 19.57 27.41
CA CYS C 79 20.36 19.10 26.05
C CYS C 79 21.84 18.87 25.94
N LEU C 80 22.22 17.62 25.69
CA LEU C 80 23.61 17.25 25.36
C LEU C 80 23.89 17.27 23.86
N PRO C 81 24.74 18.21 23.36
CA PRO C 81 25.05 18.15 21.92
C PRO C 81 26.22 17.23 21.66
N LEU C 82 26.13 16.40 20.64
CA LEU C 82 27.21 15.51 20.28
C LEU C 82 27.46 15.64 18.77
N SER C 83 28.71 15.49 18.40
CA SER C 83 29.10 15.41 16.97
C SER C 83 29.17 13.96 16.56
N MET C 84 28.41 13.53 15.54
CA MET C 84 28.38 12.08 15.26
C MET C 84 27.87 11.95 13.84
N ASP C 85 28.57 11.18 13.01
CA ASP C 85 28.03 10.84 11.65
C ASP C 85 27.34 9.46 11.79
N VAL C 86 26.06 9.34 11.42
CA VAL C 86 25.28 8.09 11.48
C VAL C 86 25.86 6.94 10.66
N ARG C 87 26.71 7.29 9.69
CA ARG C 87 27.34 6.29 8.79
C ARG C 87 28.56 5.64 9.41
N ALA C 88 29.01 6.14 10.56
CA ALA C 88 30.28 5.65 11.19
C ALA C 88 29.97 4.95 12.53
N PRO C 89 29.91 3.61 12.55
CA PRO C 89 29.40 2.99 13.76
C PRO C 89 30.26 3.16 15.03
N PRO C 90 31.61 3.28 14.91
CA PRO C 90 32.39 3.58 16.13
C PRO C 90 32.00 4.94 16.79
N ALA C 91 31.72 5.93 15.95
CA ALA C 91 31.28 7.27 16.37
C ALA C 91 29.89 7.23 16.95
N VAL C 92 28.97 6.47 16.33
CA VAL C 92 27.64 6.29 16.94
C VAL C 92 27.77 5.64 18.32
N MET C 93 28.56 4.57 18.43
CA MET C 93 28.69 3.85 19.68
C MET C 93 29.24 4.72 20.79
N ALA C 94 30.21 5.55 20.45
CA ALA C 94 30.80 6.51 21.41
C ALA C 94 29.78 7.59 21.81
N ALA C 95 28.89 7.98 20.91
CA ALA C 95 27.98 9.12 21.19
C ALA C 95 26.97 8.54 22.14
N VAL C 96 26.52 7.33 21.84
CA VAL C 96 25.53 6.69 22.70
C VAL C 96 26.09 6.40 24.13
N ASP C 97 27.32 5.90 24.22
CA ASP C 97 28.01 5.76 25.53
C ASP C 97 28.07 7.05 26.28
N GLN C 98 28.41 8.14 25.58
CA GLN C 98 28.51 9.44 26.21
C GLN C 98 27.14 9.87 26.78
N ALA C 99 26.09 9.72 25.97
CA ALA C 99 24.73 10.01 26.47
C ALA C 99 24.32 9.19 27.69
N LEU C 100 24.62 7.89 27.70
CA LEU C 100 24.30 7.03 28.80
C LEU C 100 25.07 7.47 30.05
N LYS C 101 26.30 7.94 29.83
CA LYS C 101 27.12 8.47 30.93
C LYS C 101 26.48 9.74 31.52
N GLU C 102 26.05 10.66 30.65
CA GLU C 102 25.37 11.89 31.06
C GLU C 102 24.02 11.70 31.78
N PHE C 103 23.15 10.82 31.26
CA PHE C 103 21.76 10.80 31.65
C PHE C 103 21.32 9.55 32.30
N GLY C 104 22.15 8.50 32.14
CA GLY C 104 21.94 7.21 32.72
C GLY C 104 20.96 6.29 31.99
N ARG C 105 20.16 6.86 31.09
CA ARG C 105 19.20 6.04 30.32
C ARG C 105 18.84 6.85 29.07
N ILE C 106 18.26 6.17 28.09
CA ILE C 106 17.64 6.76 26.93
C ILE C 106 16.31 6.02 26.72
N ASP C 107 15.26 6.80 26.57
CA ASP C 107 13.95 6.23 26.47
C ASP C 107 13.45 6.25 25.01
N ILE C 108 13.89 7.25 24.24
CA ILE C 108 13.25 7.50 22.91
C ILE C 108 14.38 7.71 21.93
N LEU C 109 14.27 7.12 20.73
CA LEU C 109 15.24 7.51 19.63
C LEU C 109 14.41 8.08 18.47
N ILE C 110 14.79 9.27 18.03
CA ILE C 110 14.15 9.85 16.84
C ILE C 110 15.22 9.87 15.75
N ASN C 111 15.01 9.14 14.64
CA ASN C 111 16.02 9.12 13.57
C ASN C 111 15.56 10.14 12.48
N CYS C 112 16.16 11.31 12.56
CA CYS C 112 15.75 12.46 11.76
C CYS C 112 16.85 12.79 10.75
N ALA C 113 18.07 12.25 10.94
CA ALA C 113 19.18 12.62 10.04
C ALA C 113 18.94 12.14 8.61
N ALA C 114 19.19 13.02 7.65
CA ALA C 114 18.85 12.70 6.22
C ALA C 114 19.65 13.62 5.32
N GLY C 115 19.80 13.19 4.06
CA GLY C 115 20.41 14.10 3.06
C GLY C 115 19.57 14.08 1.81
N ASN C 116 19.27 15.26 1.28
CA ASN C 116 18.43 15.31 0.06
C ASN C 116 18.75 16.51 -0.88
N PHE C 117 18.47 16.34 -2.17
CA PHE C 117 18.63 17.44 -3.15
C PHE C 117 17.84 17.01 -4.37
N LEU C 118 17.52 17.96 -5.25
CA LEU C 118 16.79 17.61 -6.48
C LEU C 118 17.80 17.14 -7.51
N CYS C 119 17.53 16.04 -8.17
CA CYS C 119 18.44 15.56 -9.24
C CYS C 119 17.75 14.55 -10.14
N PRO C 120 17.80 14.75 -11.51
CA PRO C 120 17.19 13.73 -12.41
C PRO C 120 17.94 12.41 -12.27
N ALA C 121 17.24 11.28 -12.34
CA ALA C 121 17.90 9.98 -12.18
C ALA C 121 19.03 9.74 -13.23
N GLY C 122 18.75 10.08 -14.50
CA GLY C 122 19.79 10.09 -15.54
C GLY C 122 20.99 11.00 -15.31
N ALA C 123 20.96 11.97 -14.38
CA ALA C 123 22.16 12.79 -14.02
C ALA C 123 22.77 12.37 -12.70
N LEU C 124 22.04 11.58 -11.90
CA LEU C 124 22.47 11.20 -10.53
C LEU C 124 23.66 10.25 -10.57
N SER C 125 24.77 10.65 -9.97
CA SER C 125 25.91 9.73 -10.01
C SER C 125 25.68 8.51 -9.07
N PHE C 126 26.47 7.48 -9.26
CA PHE C 126 26.38 6.28 -8.49
C PHE C 126 26.68 6.60 -7.01
N ASN C 127 27.75 7.38 -6.79
CA ASN C 127 28.09 7.84 -5.45
C ASN C 127 27.00 8.75 -4.79
N ALA C 128 26.34 9.58 -5.58
CA ALA C 128 25.30 10.42 -5.01
C ALA C 128 24.12 9.53 -4.49
N PHE C 129 23.72 8.55 -5.30
CA PHE C 129 22.65 7.66 -4.90
C PHE C 129 23.02 6.92 -3.64
N LYS C 130 24.20 6.32 -3.64
CA LYS C 130 24.68 5.54 -2.52
C LYS C 130 24.78 6.36 -1.21
N THR C 131 25.21 7.61 -1.34
CA THR C 131 25.41 8.53 -0.22
C THR C 131 24.06 8.77 0.47
N VAL C 132 23.00 9.00 -0.32
CA VAL C 132 21.69 9.15 0.28
C VAL C 132 21.23 7.83 0.90
N MET C 133 21.40 6.69 0.21
CA MET C 133 21.07 5.39 0.86
CA MET C 133 21.02 5.43 0.88
C MET C 133 21.84 5.26 2.17
N ASP C 134 23.11 5.67 2.14
CA ASP C 134 24.02 5.44 3.34
C ASP C 134 23.58 6.22 4.57
N ILE C 135 23.21 7.50 4.39
CA ILE C 135 22.78 8.35 5.50
C ILE C 135 21.40 7.95 5.99
N ASP C 136 20.44 7.92 5.07
CA ASP C 136 19.04 7.70 5.46
C ASP C 136 18.80 6.25 5.91
N THR C 137 19.26 5.31 5.17
CA THR C 137 18.90 3.96 5.39
C THR C 137 19.89 3.23 6.29
N SER C 138 21.13 3.11 5.88
CA SER C 138 22.16 2.48 6.75
C SER C 138 22.33 3.24 8.08
N GLY C 139 22.22 4.55 8.02
CA GLY C 139 22.50 5.46 9.14
C GLY C 139 21.37 5.24 10.10
N THR C 140 20.15 5.11 9.61
CA THR C 140 19.01 4.76 10.51
C THR C 140 19.12 3.40 11.15
N PHE C 141 19.52 2.45 10.37
CA PHE C 141 19.69 1.13 10.90
C PHE C 141 20.81 1.20 11.96
N ASN C 142 21.93 1.80 11.62
CA ASN C 142 23.06 1.86 12.54
C ASN C 142 22.72 2.40 13.93
N VAL C 143 22.02 3.52 13.95
CA VAL C 143 21.67 4.16 15.20
C VAL C 143 20.70 3.30 15.98
N SER C 144 19.73 2.73 15.29
CA SER C 144 18.76 1.87 15.92
C SER C 144 19.41 0.62 16.54
N ARG C 145 20.33 0.04 15.80
CA ARG C 145 21.06 -1.12 16.22
C ARG C 145 22.01 -0.87 17.43
N VAL C 146 22.71 0.24 17.45
CA VAL C 146 23.51 0.63 18.62
C VAL C 146 22.64 0.90 19.87
N LEU C 147 21.54 1.65 19.71
CA LEU C 147 20.63 1.92 20.80
C LEU C 147 20.09 0.60 21.33
N TYR C 148 19.74 -0.31 20.43
CA TYR C 148 19.23 -1.61 20.85
C TYR C 148 20.27 -2.31 21.71
N GLU C 149 21.48 -2.41 21.19
CA GLU C 149 22.49 -3.17 21.89
C GLU C 149 22.92 -2.45 23.19
N LYS C 150 23.07 -1.14 23.19
CA LYS C 150 23.46 -0.41 24.40
C LYS C 150 22.38 -0.21 25.45
N PHE C 151 21.12 -0.24 25.12
CA PHE C 151 20.11 0.04 26.13
C PHE C 151 18.74 -0.58 25.86
N PHE C 152 18.26 -0.44 24.66
CA PHE C 152 16.86 -0.78 24.51
C PHE C 152 16.57 -2.27 24.63
N ARG C 153 17.50 -3.10 24.21
CA ARG C 153 17.26 -4.52 24.26
C ARG C 153 16.86 -4.89 25.68
N ASP C 154 17.58 -4.33 26.64
CA ASP C 154 17.36 -4.65 28.10
C ASP C 154 16.34 -3.84 28.86
N HIS C 155 15.92 -2.70 28.31
CA HIS C 155 15.13 -1.68 29.05
C HIS C 155 13.91 -1.29 28.28
N GLY C 156 13.78 -1.76 27.04
CA GLY C 156 12.66 -1.37 26.20
C GLY C 156 12.98 0.03 25.62
N GLY C 157 12.09 0.57 24.79
CA GLY C 157 12.28 1.97 24.29
C GLY C 157 11.28 2.27 23.19
N VAL C 158 11.42 3.42 22.54
CA VAL C 158 10.48 3.74 21.50
C VAL C 158 11.37 4.38 20.41
N ILE C 159 11.07 3.99 19.16
CA ILE C 159 11.85 4.58 18.03
C ILE C 159 10.82 5.28 17.11
N VAL C 160 11.13 6.51 16.69
CA VAL C 160 10.36 7.11 15.59
C VAL C 160 11.34 7.41 14.46
N ASN C 161 11.06 6.85 13.30
CA ASN C 161 11.85 7.12 12.09
C ASN C 161 11.12 8.20 11.26
N ILE C 162 11.83 9.25 10.89
CA ILE C 162 11.21 10.31 10.05
C ILE C 162 11.42 9.94 8.60
N THR C 163 10.35 9.79 7.87
CA THR C 163 10.46 9.37 6.50
C THR C 163 9.84 10.34 5.51
N ALA C 164 9.10 9.85 4.54
CA ALA C 164 8.59 10.76 3.47
C ALA C 164 7.57 9.96 2.63
N THR C 165 6.85 10.67 1.77
CA THR C 165 5.87 10.00 0.93
C THR C 165 6.40 9.91 -0.52
N LEU C 166 7.65 10.32 -0.76
CA LEU C 166 8.12 10.51 -2.18
C LEU C 166 8.06 9.22 -3.00
N GLY C 167 8.34 8.10 -2.34
CA GLY C 167 8.39 6.78 -3.01
C GLY C 167 7.02 6.23 -3.40
N ASN C 168 5.92 6.77 -2.83
CA ASN C 168 4.60 6.26 -3.14
C ASN C 168 4.23 6.40 -4.67
N ARG C 169 4.48 7.58 -5.21
CA ARG C 169 4.19 7.86 -6.67
C ARG C 169 5.47 8.00 -7.51
N GLY C 170 6.62 7.79 -6.87
CA GLY C 170 7.86 7.96 -7.60
C GLY C 170 8.08 9.41 -8.03
N GLN C 171 8.08 10.31 -7.05
CA GLN C 171 8.27 11.72 -7.31
C GLN C 171 9.55 11.96 -8.10
N ALA C 172 9.42 12.67 -9.22
CA ALA C 172 10.53 13.08 -10.10
C ALA C 172 11.62 13.87 -9.36
N LEU C 173 12.87 13.63 -9.73
CA LEU C 173 14.02 14.34 -9.21
C LEU C 173 14.41 13.80 -7.79
N GLN C 174 13.74 12.71 -7.35
CA GLN C 174 13.89 12.20 -5.99
C GLN C 174 14.10 10.71 -5.88
N VAL C 175 14.62 10.06 -6.93
CA VAL C 175 14.81 8.61 -6.86
C VAL C 175 15.61 8.19 -5.61
N HIS C 176 16.66 8.89 -5.31
CA HIS C 176 17.49 8.61 -4.17
C HIS C 176 16.72 8.65 -2.86
N ALA C 177 16.16 9.80 -2.55
CA ALA C 177 15.40 10.00 -1.34
C ALA C 177 14.15 9.11 -1.23
N GLY C 178 13.39 9.01 -2.30
CA GLY C 178 12.23 8.07 -2.31
C GLY C 178 12.61 6.58 -2.06
N SER C 179 13.68 6.10 -2.69
CA SER C 179 14.10 4.72 -2.41
C SER C 179 14.53 4.62 -1.00
N ALA C 180 15.30 5.59 -0.52
CA ALA C 180 15.92 5.50 0.85
C ALA C 180 14.82 5.49 1.90
N LYS C 181 13.87 6.40 1.73
CA LYS C 181 12.81 6.47 2.70
C LYS C 181 11.85 5.27 2.64
N ALA C 182 11.63 4.71 1.45
CA ALA C 182 10.80 3.48 1.38
C ALA C 182 11.50 2.28 2.11
N ALA C 183 12.83 2.18 2.02
CA ALA C 183 13.56 1.20 2.81
C ALA C 183 13.34 1.42 4.34
N VAL C 184 13.36 2.69 4.80
CA VAL C 184 13.19 2.96 6.23
C VAL C 184 11.80 2.55 6.68
N ASP C 185 10.78 2.83 5.86
CA ASP C 185 9.44 2.37 6.12
C ASP C 185 9.34 0.86 6.29
N ALA C 186 10.00 0.10 5.42
CA ALA C 186 10.03 -1.31 5.54
C ALA C 186 10.82 -1.70 6.79
N MET C 187 11.90 -0.98 7.02
CA MET C 187 12.68 -1.25 8.22
C MET C 187 11.87 -1.07 9.50
N THR C 188 10.98 -0.08 9.53
CA THR C 188 10.10 0.15 10.64
C THR C 188 9.29 -1.10 10.98
N ARG C 189 8.69 -1.71 9.97
CA ARG C 189 7.92 -2.92 10.17
C ARG C 189 8.80 -4.11 10.67
N HIS C 190 9.89 -4.38 9.97
CA HIS C 190 10.83 -5.39 10.37
C HIS C 190 11.24 -5.25 11.84
N LEU C 191 11.68 -4.08 12.22
CA LEU C 191 12.10 -3.90 13.63
C LEU C 191 10.95 -3.96 14.66
N ALA C 192 9.77 -3.47 14.31
CA ALA C 192 8.57 -3.55 15.14
C ALA C 192 8.29 -5.03 15.48
N VAL C 193 8.43 -5.92 14.49
CA VAL C 193 8.20 -7.32 14.68
C VAL C 193 9.27 -8.01 15.56
N GLU C 194 10.55 -7.80 15.24
CA GLU C 194 11.62 -8.41 15.96
C GLU C 194 11.80 -7.89 17.36
N TRP C 195 11.52 -6.58 17.57
CA TRP C 195 11.84 -5.94 18.84
C TRP C 195 10.66 -5.67 19.70
N GLY C 196 9.45 -5.81 19.16
CA GLY C 196 8.22 -5.73 20.03
C GLY C 196 8.36 -6.58 21.33
N PRO C 197 8.86 -7.81 21.21
CA PRO C 197 8.98 -8.64 22.43
C PRO C 197 10.00 -8.05 23.41
N GLN C 198 10.86 -7.10 23.01
CA GLN C 198 11.70 -6.47 24.03
C GLN C 198 11.15 -5.17 24.54
N ASN C 199 9.84 -4.97 24.37
CA ASN C 199 9.20 -3.74 24.81
C ASN C 199 9.70 -2.51 24.02
N ILE C 200 9.92 -2.67 22.71
CA ILE C 200 10.41 -1.59 21.83
C ILE C 200 9.34 -1.32 20.74
N ARG C 201 8.79 -0.12 20.73
CA ARG C 201 7.84 0.30 19.68
C ARG C 201 8.63 0.99 18.57
N VAL C 202 8.29 0.76 17.31
CA VAL C 202 9.02 1.40 16.20
C VAL C 202 7.96 1.83 15.21
N ASN C 203 7.94 3.13 14.96
CA ASN C 203 7.01 3.71 13.92
C ASN C 203 7.69 4.70 13.05
N SER C 204 7.07 4.99 11.87
CA SER C 204 7.57 6.06 10.96
C SER C 204 6.56 7.21 10.96
N LEU C 205 7.10 8.38 10.87
CA LEU C 205 6.29 9.59 10.62
C LEU C 205 6.79 10.12 9.25
N ALA C 206 5.86 10.34 8.32
CA ALA C 206 6.24 10.85 7.06
C ALA C 206 5.70 12.29 6.88
N PRO C 207 6.59 13.28 6.95
CA PRO C 207 6.09 14.67 6.88
C PRO C 207 5.80 15.07 5.44
N GLY C 208 5.03 16.12 5.21
CA GLY C 208 4.81 16.67 3.84
C GLY C 208 5.71 17.88 3.69
N PRO C 209 5.34 18.84 2.80
CA PRO C 209 6.22 19.98 2.66
C PRO C 209 6.12 20.96 3.87
N ILE C 210 7.28 21.25 4.46
CA ILE C 210 7.25 21.90 5.76
C ILE C 210 7.94 23.26 5.73
N SER C 211 7.20 24.34 6.12
CA SER C 211 7.82 25.67 6.11
C SER C 211 9.04 25.79 7.02
N GLY C 212 10.00 26.62 6.58
CA GLY C 212 11.17 27.00 7.40
C GLY C 212 12.11 25.83 7.70
N THR C 213 12.34 25.01 6.69
CA THR C 213 13.23 23.89 6.77
C THR C 213 14.17 23.98 5.56
N GLU C 214 15.34 23.39 5.75
CA GLU C 214 16.27 23.16 4.68
C GLU C 214 15.64 22.30 3.58
N GLY C 215 14.93 21.26 3.98
CA GLY C 215 14.15 20.46 3.00
C GLY C 215 13.32 21.28 1.98
N LEU C 216 12.44 22.15 2.47
CA LEU C 216 11.62 23.00 1.61
C LEU C 216 12.47 24.00 0.74
N ARG C 217 13.49 24.57 1.34
CA ARG C 217 14.38 25.48 0.66
C ARG C 217 15.10 24.85 -0.49
N ARG C 218 15.57 23.65 -0.30
CA ARG C 218 16.24 22.89 -1.31
C ARG C 218 15.34 22.25 -2.31
N LEU C 219 14.16 21.83 -1.91
CA LEU C 219 13.40 20.95 -2.75
C LEU C 219 12.09 21.53 -3.20
N GLY C 220 11.70 22.68 -2.65
CA GLY C 220 10.45 23.37 -2.99
C GLY C 220 10.32 23.79 -4.44
N GLY C 221 11.44 24.18 -5.07
CA GLY C 221 11.45 24.75 -6.43
C GLY C 221 11.10 26.23 -6.41
N PRO C 222 10.79 26.84 -7.58
CA PRO C 222 10.44 28.27 -7.53
C PRO C 222 9.16 28.54 -6.72
N GLN C 223 9.14 29.69 -6.05
CA GLN C 223 8.05 30.13 -5.18
C GLN C 223 6.66 30.13 -5.84
N ALA C 224 6.57 30.59 -7.10
CA ALA C 224 5.28 30.64 -7.79
C ALA C 224 4.65 29.24 -8.00
N SER C 225 5.36 28.29 -8.63
CA SER C 225 4.76 26.94 -8.77
C SER C 225 4.61 26.22 -7.42
N LEU C 226 5.51 26.50 -6.48
CA LEU C 226 5.35 26.03 -5.10
C LEU C 226 3.99 26.52 -4.57
N SER C 227 3.74 27.84 -4.62
CA SER C 227 2.43 28.39 -4.20
C SER C 227 1.25 27.71 -4.87
N THR C 228 1.37 27.38 -6.16
CA THR C 228 0.27 26.81 -6.93
C THR C 228 -0.09 25.41 -6.42
N LYS C 229 0.91 24.56 -6.26
CA LYS C 229 0.66 23.20 -5.80
C LYS C 229 0.18 23.21 -4.30
N VAL C 230 0.71 24.13 -3.49
CA VAL C 230 0.24 24.25 -2.08
C VAL C 230 -1.28 24.56 -2.05
N THR C 231 -1.64 25.59 -2.82
CA THR C 231 -3.06 26.00 -2.91
C THR C 231 -3.96 24.91 -3.46
N ALA C 232 -3.42 24.08 -4.35
CA ALA C 232 -4.20 22.98 -4.91
C ALA C 232 -4.23 21.73 -4.00
N SER C 233 -3.56 21.77 -2.85
CA SER C 233 -3.44 20.58 -1.98
C SER C 233 -4.57 20.64 -0.91
N PRO C 234 -4.89 19.50 -0.22
CA PRO C 234 -6.20 19.53 0.42
C PRO C 234 -6.33 20.57 1.52
N LEU C 235 -5.30 20.78 2.34
CA LEU C 235 -5.38 21.84 3.41
C LEU C 235 -4.92 23.21 2.91
N GLN C 236 -4.50 23.26 1.66
CA GLN C 236 -4.14 24.55 1.01
C GLN C 236 -3.07 25.34 1.72
N ARG C 237 -2.18 24.65 2.43
CA ARG C 237 -1.12 25.32 3.09
C ARG C 237 0.04 24.39 3.35
N LEU C 238 1.22 24.97 3.53
CA LEU C 238 2.36 24.19 3.95
C LEU C 238 2.17 23.75 5.42
N GLY C 239 2.74 22.61 5.81
CA GLY C 239 2.75 22.30 7.25
C GLY C 239 3.84 23.10 7.95
N ASN C 240 3.80 23.19 9.26
CA ASN C 240 4.94 23.81 9.92
C ASN C 240 5.67 22.78 10.83
N LYS C 241 6.84 23.19 11.35
CA LYS C 241 7.65 22.26 12.15
C LYS C 241 6.98 21.82 13.45
N THR C 242 6.23 22.74 14.06
CA THR C 242 5.50 22.46 15.26
C THR C 242 4.47 21.38 15.04
N GLU C 243 3.73 21.42 13.96
CA GLU C 243 2.71 20.37 13.71
C GLU C 243 3.39 19.02 13.54
N ILE C 244 4.54 18.99 12.88
CA ILE C 244 5.21 17.67 12.75
C ILE C 244 5.73 17.16 14.07
N ALA C 245 6.29 18.05 14.88
CA ALA C 245 6.78 17.69 16.17
C ALA C 245 5.62 17.12 17.01
N HIS C 246 4.41 17.67 16.87
CA HIS C 246 3.27 17.13 17.64
C HIS C 246 2.97 15.69 17.26
N SER C 247 3.03 15.33 15.98
CA SER C 247 2.78 13.90 15.55
C SER C 247 3.90 13.00 16.04
N VAL C 248 5.13 13.50 16.02
CA VAL C 248 6.31 12.76 16.50
C VAL C 248 6.14 12.56 18.00
N LEU C 249 5.71 13.57 18.70
CA LEU C 249 5.55 13.45 20.11
C LEU C 249 4.45 12.44 20.44
N TYR C 250 3.37 12.46 19.72
CA TYR C 250 2.31 11.48 19.86
C TYR C 250 2.86 10.03 19.79
N LEU C 251 3.59 9.76 18.72
CA LEU C 251 4.10 8.41 18.49
C LEU C 251 5.15 7.97 19.53
N ALA C 252 5.90 8.92 20.02
CA ALA C 252 6.96 8.70 20.98
C ALA C 252 6.47 8.53 22.42
N SER C 253 5.20 8.79 22.68
CA SER C 253 4.67 8.93 23.99
C SER C 253 3.80 7.75 24.43
N PRO C 254 3.48 7.68 25.73
CA PRO C 254 2.54 6.60 26.12
C PRO C 254 1.13 6.71 25.54
N LEU C 255 0.72 7.81 24.91
CA LEU C 255 -0.57 7.81 24.23
C LEU C 255 -0.62 6.90 22.99
N ALA C 256 0.56 6.49 22.51
CA ALA C 256 0.61 5.59 21.34
C ALA C 256 1.11 4.22 21.79
N SER C 257 0.73 3.81 23.04
CA SER C 257 1.23 2.58 23.68
C SER C 257 0.87 1.37 22.85
N TYR C 258 -0.18 1.42 22.01
CA TYR C 258 -0.49 0.22 21.21
C TYR C 258 -0.24 0.46 19.70
N VAL C 259 0.62 1.41 19.39
CA VAL C 259 0.95 1.72 17.96
C VAL C 259 2.37 1.31 17.69
N THR C 260 2.51 0.27 16.87
CA THR C 260 3.86 -0.12 16.44
C THR C 260 3.83 -0.68 15.01
N GLY C 261 4.93 -0.52 14.27
CA GLY C 261 5.03 -1.05 12.90
C GLY C 261 4.17 -0.14 11.96
N ALA C 262 3.71 1.03 12.43
CA ALA C 262 2.84 1.87 11.60
C ALA C 262 3.61 3.02 10.95
N VAL C 263 3.05 3.59 9.85
CA VAL C 263 3.64 4.76 9.23
C VAL C 263 2.50 5.75 9.32
N LEU C 264 2.71 6.85 10.01
CA LEU C 264 1.70 7.86 10.10
C LEU C 264 2.10 8.98 9.11
N VAL C 265 1.26 9.30 8.13
CA VAL C 265 1.59 10.35 7.16
C VAL C 265 0.99 11.65 7.70
N ALA C 266 1.81 12.70 7.72
CA ALA C 266 1.37 13.97 8.27
C ALA C 266 1.79 15.05 7.27
N ASP C 267 1.04 15.15 6.18
CA ASP C 267 1.41 15.93 4.99
C ASP C 267 0.30 16.80 4.45
N GLY C 268 -0.76 16.98 5.23
CA GLY C 268 -1.86 17.82 4.81
C GLY C 268 -2.53 17.24 3.56
N GLY C 269 -2.35 15.92 3.34
CA GLY C 269 -2.84 15.29 2.11
C GLY C 269 -2.01 15.62 0.86
N ALA C 270 -0.84 16.25 1.00
CA ALA C 270 -0.04 16.72 -0.16
C ALA C 270 0.26 15.60 -1.20
N TRP C 271 0.54 14.38 -0.73
CA TRP C 271 0.92 13.36 -1.71
C TRP C 271 -0.24 12.90 -2.55
N LEU C 272 -1.47 13.12 -2.11
CA LEU C 272 -2.67 12.80 -2.89
C LEU C 272 -2.83 13.69 -4.12
N THR C 273 -2.35 14.92 -4.01
CA THR C 273 -2.62 15.94 -5.05
C THR C 273 -1.39 16.54 -5.70
N PHE C 274 -0.19 16.46 -5.08
CA PHE C 274 0.99 17.19 -5.64
C PHE C 274 1.31 16.67 -7.03
N PRO C 275 1.71 17.59 -7.94
CA PRO C 275 2.03 17.17 -9.32
C PRO C 275 3.27 16.30 -9.33
N ASN C 276 3.38 15.47 -10.35
CA ASN C 276 4.57 14.71 -10.52
C ASN C 276 5.14 14.74 -11.94
N ASP D 6 9.74 -27.97 -14.43
CA ASP D 6 11.03 -27.32 -13.95
C ASP D 6 12.08 -28.38 -13.59
N VAL D 7 13.26 -27.92 -13.19
CA VAL D 7 14.48 -28.70 -12.96
C VAL D 7 15.25 -28.00 -11.81
N GLU D 8 15.68 -28.77 -10.80
CA GLU D 8 16.32 -28.23 -9.57
C GLU D 8 17.62 -27.45 -9.80
N GLY D 9 18.48 -27.97 -10.64
CA GLY D 9 19.79 -27.39 -10.81
C GLY D 9 19.74 -26.17 -11.70
N ASP D 10 20.93 -25.61 -11.92
CA ASP D 10 21.18 -24.57 -12.94
C ASP D 10 21.45 -25.24 -14.32
N ASP D 11 20.51 -26.11 -14.71
CA ASP D 11 20.52 -26.87 -15.98
C ASP D 11 19.27 -26.49 -16.81
N CYS D 12 19.36 -26.64 -18.13
CA CYS D 12 18.23 -26.33 -19.00
C CYS D 12 17.16 -27.40 -18.93
N LEU D 13 15.93 -27.00 -19.30
CA LEU D 13 14.79 -27.90 -19.34
C LEU D 13 15.05 -28.90 -20.48
N PRO D 14 14.62 -30.16 -20.32
CA PRO D 14 14.68 -31.18 -21.38
C PRO D 14 13.70 -30.89 -22.50
N ALA D 15 12.52 -30.41 -22.12
CA ALA D 15 11.45 -30.16 -23.09
C ALA D 15 10.71 -28.85 -22.71
N TYR D 16 10.02 -28.27 -23.66
CA TYR D 16 9.31 -27.02 -23.38
C TYR D 16 8.25 -26.84 -24.43
N ARG D 17 7.02 -26.74 -23.95
CA ARG D 17 5.90 -26.37 -24.81
C ARG D 17 5.61 -24.87 -24.72
N HIS D 18 5.45 -24.25 -25.88
CA HIS D 18 5.25 -22.81 -25.93
C HIS D 18 3.83 -22.42 -25.62
N LEU D 19 3.67 -21.36 -24.81
CA LEU D 19 2.38 -20.68 -24.45
C LEU D 19 2.39 -19.23 -25.01
N PHE D 20 3.52 -18.55 -24.91
CA PHE D 20 3.83 -17.34 -25.75
C PHE D 20 4.37 -17.84 -27.08
N CYS D 21 4.08 -17.12 -28.18
CA CYS D 21 4.70 -17.51 -29.47
C CYS D 21 6.26 -17.57 -29.40
N PRO D 22 6.90 -18.54 -30.09
CA PRO D 22 8.38 -18.65 -30.11
C PRO D 22 9.14 -17.48 -30.69
N ASP D 23 8.46 -16.56 -31.34
CA ASP D 23 9.17 -15.37 -31.86
C ASP D 23 8.85 -14.11 -31.03
N LEU D 24 8.24 -14.30 -29.85
CA LEU D 24 7.85 -13.15 -29.04
C LEU D 24 9.01 -12.10 -28.91
N LEU D 25 10.23 -12.58 -28.62
CA LEU D 25 11.42 -11.74 -28.42
C LEU D 25 12.45 -11.96 -29.57
N ARG D 26 11.96 -12.31 -30.76
CA ARG D 26 12.92 -12.64 -31.84
C ARG D 26 14.00 -11.57 -32.09
N ASP D 27 15.25 -12.00 -31.94
CA ASP D 27 16.44 -11.19 -32.21
C ASP D 27 16.66 -9.99 -31.23
N LYS D 28 15.89 -9.97 -30.14
CA LYS D 28 16.10 -8.96 -29.11
C LYS D 28 17.32 -9.41 -28.31
N VAL D 29 17.78 -8.52 -27.44
CA VAL D 29 18.91 -8.84 -26.55
C VAL D 29 18.54 -8.49 -25.10
N ALA D 30 18.67 -9.44 -24.18
CA ALA D 30 18.41 -9.17 -22.76
C ALA D 30 19.68 -9.28 -21.91
N PHE D 31 19.95 -8.25 -21.10
CA PHE D 31 21.11 -8.27 -20.19
C PHE D 31 20.52 -8.65 -18.83
N ILE D 32 20.98 -9.77 -18.26
CA ILE D 32 20.41 -10.35 -17.06
C ILE D 32 21.49 -10.42 -16.01
N THR D 33 21.37 -9.60 -14.98
CA THR D 33 22.34 -9.69 -13.87
C THR D 33 21.92 -10.92 -13.03
N GLY D 34 22.88 -11.70 -12.57
CA GLY D 34 22.57 -12.95 -11.88
C GLY D 34 22.03 -14.01 -12.81
N GLY D 35 22.33 -13.93 -14.11
CA GLY D 35 21.79 -14.86 -15.17
C GLY D 35 22.47 -16.23 -15.12
N GLY D 36 23.49 -16.37 -14.26
CA GLY D 36 24.23 -17.60 -14.13
C GLY D 36 23.65 -18.67 -13.24
N SER D 37 22.71 -18.30 -12.37
CA SER D 37 22.14 -19.32 -11.48
C SER D 37 20.72 -19.01 -11.17
N GLY D 38 20.04 -19.97 -10.58
CA GLY D 38 18.73 -19.78 -9.99
C GLY D 38 17.67 -19.27 -10.93
N ILE D 39 16.84 -18.37 -10.39
CA ILE D 39 15.87 -17.65 -11.22
C ILE D 39 16.50 -16.99 -12.48
N GLY D 40 17.62 -16.27 -12.32
CA GLY D 40 18.26 -15.59 -13.40
C GLY D 40 18.62 -16.52 -14.55
N PHE D 41 19.11 -17.70 -14.19
CA PHE D 41 19.48 -18.68 -15.23
C PHE D 41 18.20 -19.12 -15.99
N ARG D 42 17.10 -19.43 -15.27
CA ARG D 42 15.88 -19.88 -15.97
C ARG D 42 15.22 -18.77 -16.77
N ILE D 43 15.34 -17.52 -16.31
CA ILE D 43 14.85 -16.39 -17.07
C ILE D 43 15.62 -16.33 -18.43
N ALA D 44 16.96 -16.43 -18.37
CA ALA D 44 17.79 -16.38 -19.56
C ALA D 44 17.35 -17.51 -20.51
N GLU D 45 17.14 -18.70 -19.95
CA GLU D 45 16.71 -19.81 -20.80
C GLU D 45 15.34 -19.61 -21.47
N ILE D 46 14.37 -19.12 -20.72
CA ILE D 46 13.04 -18.99 -21.26
C ILE D 46 13.07 -17.81 -22.27
N PHE D 47 13.86 -16.76 -22.00
CA PHE D 47 13.97 -15.68 -22.98
C PHE D 47 14.58 -16.16 -24.33
N MET D 48 15.66 -16.93 -24.23
CA MET D 48 16.26 -17.59 -25.42
C MET D 48 15.31 -18.53 -26.18
N ARG D 49 14.49 -19.29 -25.45
CA ARG D 49 13.45 -20.07 -26.10
C ARG D 49 12.38 -19.24 -26.87
N HIS D 50 12.29 -17.95 -26.60
CA HIS D 50 11.45 -17.08 -27.40
C HIS D 50 12.21 -16.22 -28.35
N GLY D 51 13.38 -16.68 -28.77
CA GLY D 51 14.09 -15.87 -29.79
C GLY D 51 15.10 -14.88 -29.35
N CYS D 52 15.24 -14.65 -28.05
CA CYS D 52 16.09 -13.59 -27.52
C CYS D 52 17.55 -14.04 -27.39
N HIS D 53 18.54 -13.18 -27.60
CA HIS D 53 19.91 -13.51 -27.16
C HIS D 53 20.07 -12.91 -25.80
N THR D 54 21.03 -13.41 -25.04
CA THR D 54 21.22 -12.88 -23.70
C THR D 54 22.67 -12.56 -23.38
N VAL D 55 22.84 -11.67 -22.39
CA VAL D 55 24.13 -11.35 -21.78
C VAL D 55 23.89 -11.65 -20.31
N ILE D 56 24.66 -12.58 -19.75
CA ILE D 56 24.49 -12.88 -18.32
C ILE D 56 25.73 -12.36 -17.59
N ALA D 57 25.52 -11.62 -16.50
CA ALA D 57 26.59 -10.91 -15.83
C ALA D 57 26.55 -11.16 -14.31
N SER D 58 27.67 -11.53 -13.70
CA SER D 58 27.66 -11.59 -12.22
C SER D 58 29.10 -11.70 -11.80
N ARG D 59 29.35 -11.88 -10.49
CA ARG D 59 30.74 -11.70 -10.06
C ARG D 59 31.58 -12.87 -10.55
N SER D 60 31.02 -14.10 -10.50
CA SER D 60 31.84 -15.27 -10.80
C SER D 60 31.96 -15.56 -12.27
N LEU D 61 33.11 -15.31 -12.86
CA LEU D 61 33.27 -15.66 -14.26
C LEU D 61 33.13 -17.18 -14.51
N PRO D 62 33.66 -18.09 -13.61
CA PRO D 62 33.38 -19.50 -13.96
C PRO D 62 31.88 -19.83 -13.97
N ARG D 63 31.10 -19.30 -13.02
CA ARG D 63 29.67 -19.58 -13.04
C ARG D 63 28.98 -19.15 -14.36
N VAL D 64 29.34 -17.97 -14.86
CA VAL D 64 28.61 -17.52 -16.05
C VAL D 64 29.17 -18.24 -17.29
N LEU D 65 30.49 -18.56 -17.31
CA LEU D 65 31.01 -19.36 -18.47
C LEU D 65 30.24 -20.64 -18.67
N THR D 66 30.06 -21.37 -17.56
CA THR D 66 29.36 -22.65 -17.52
C THR D 66 27.92 -22.47 -17.95
N ALA D 67 27.25 -21.47 -17.35
CA ALA D 67 25.82 -21.22 -17.67
C ALA D 67 25.65 -20.94 -19.17
N ALA D 68 26.47 -20.07 -19.72
CA ALA D 68 26.34 -19.57 -21.09
C ALA D 68 26.45 -20.70 -22.07
N ARG D 69 27.31 -21.66 -21.75
CA ARG D 69 27.48 -22.80 -22.71
C ARG D 69 26.28 -23.68 -22.68
N LYS D 70 25.70 -23.84 -21.49
CA LYS D 70 24.46 -24.59 -21.39
C LYS D 70 23.28 -23.94 -22.03
N LEU D 71 23.09 -22.63 -21.79
CA LEU D 71 22.01 -21.89 -22.41
C LEU D 71 22.08 -21.89 -23.95
N ALA D 72 23.23 -21.47 -24.53
CA ALA D 72 23.43 -21.54 -25.97
C ALA D 72 23.19 -22.95 -26.54
N GLY D 73 23.80 -23.94 -25.90
CA GLY D 73 23.62 -25.33 -26.29
C GLY D 73 22.19 -25.78 -26.35
N ALA D 74 21.35 -25.38 -25.40
CA ALA D 74 19.97 -25.87 -25.35
C ALA D 74 19.07 -25.10 -26.33
N THR D 75 19.43 -23.88 -26.64
CA THR D 75 18.50 -23.05 -27.39
C THR D 75 18.93 -22.65 -28.77
N GLY D 76 20.20 -22.75 -29.11
CA GLY D 76 20.73 -22.27 -30.35
C GLY D 76 20.84 -20.72 -30.49
N ARG D 77 20.47 -19.94 -29.45
CA ARG D 77 20.66 -18.47 -29.41
C ARG D 77 22.01 -18.10 -28.73
N ARG D 78 22.44 -16.85 -28.75
CA ARG D 78 23.76 -16.53 -28.21
C ARG D 78 23.63 -16.13 -26.77
N CYS D 79 24.62 -16.47 -25.99
CA CYS D 79 24.61 -16.08 -24.54
C CYS D 79 26.03 -15.63 -24.25
N LEU D 80 26.21 -14.33 -24.08
CA LEU D 80 27.52 -13.76 -23.72
C LEU D 80 27.69 -13.70 -22.19
N PRO D 81 28.65 -14.46 -21.63
CA PRO D 81 28.89 -14.31 -20.20
C PRO D 81 29.91 -13.25 -19.88
N LEU D 82 29.66 -12.47 -18.84
CA LEU D 82 30.60 -11.45 -18.39
C LEU D 82 30.72 -11.41 -16.88
N SER D 83 31.87 -11.03 -16.41
CA SER D 83 32.04 -10.93 -14.96
C SER D 83 31.94 -9.44 -14.55
N MET D 84 31.04 -9.12 -13.60
CA MET D 84 30.98 -7.78 -13.10
C MET D 84 30.25 -7.79 -11.78
N ASP D 85 30.75 -6.96 -10.88
CA ASP D 85 30.11 -6.67 -9.61
C ASP D 85 29.18 -5.44 -9.78
N VAL D 86 27.89 -5.62 -9.43
CA VAL D 86 26.90 -4.49 -9.63
C VAL D 86 27.27 -3.24 -8.81
N ARG D 87 28.13 -3.41 -7.82
CA ARG D 87 28.49 -2.32 -6.91
C ARG D 87 29.68 -1.53 -7.46
N ALA D 88 30.29 -2.00 -8.55
CA ALA D 88 31.52 -1.36 -9.12
C ALA D 88 31.11 -0.74 -10.48
N PRO D 89 30.74 0.58 -10.50
CA PRO D 89 30.32 1.16 -11.77
C PRO D 89 31.31 1.04 -12.96
N PRO D 90 32.67 1.06 -12.76
CA PRO D 90 33.60 0.77 -13.91
C PRO D 90 33.36 -0.59 -14.55
N ALA D 91 33.10 -1.59 -13.70
CA ALA D 91 32.88 -2.95 -14.24
C ALA D 91 31.56 -3.05 -14.96
N VAL D 92 30.54 -2.38 -14.44
CA VAL D 92 29.24 -2.43 -15.03
C VAL D 92 29.35 -1.75 -16.42
N MET D 93 30.08 -0.63 -16.47
CA MET D 93 30.24 0.13 -17.75
C MET D 93 30.98 -0.75 -18.79
N ALA D 94 31.96 -1.53 -18.30
CA ALA D 94 32.74 -2.36 -19.17
C ALA D 94 31.89 -3.53 -19.73
N ALA D 95 31.03 -4.12 -18.90
CA ALA D 95 30.21 -5.26 -19.33
C ALA D 95 29.18 -4.76 -20.36
N VAL D 96 28.63 -3.58 -20.09
CA VAL D 96 27.61 -3.04 -20.97
C VAL D 96 28.29 -2.71 -22.31
N ASP D 97 29.49 -2.11 -22.27
CA ASP D 97 30.25 -1.87 -23.51
C ASP D 97 30.55 -3.17 -24.29
N GLN D 98 30.90 -4.25 -23.60
CA GLN D 98 31.09 -5.51 -24.25
C GLN D 98 29.83 -6.11 -24.91
N ALA D 99 28.69 -6.09 -24.20
CA ALA D 99 27.40 -6.47 -24.76
C ALA D 99 27.04 -5.67 -26.04
N LEU D 100 27.29 -4.39 -26.02
CA LEU D 100 27.02 -3.56 -27.20
C LEU D 100 27.99 -3.91 -28.38
N LYS D 101 29.25 -4.15 -28.09
CA LYS D 101 30.19 -4.54 -29.15
C LYS D 101 29.68 -5.85 -29.78
N GLU D 102 29.25 -6.80 -28.97
CA GLU D 102 28.86 -8.12 -29.52
C GLU D 102 27.54 -8.07 -30.26
N PHE D 103 26.61 -7.26 -29.77
CA PHE D 103 25.25 -7.40 -30.25
C PHE D 103 24.75 -6.13 -30.89
N GLY D 104 25.40 -5.00 -30.70
CA GLY D 104 24.90 -3.75 -31.29
C GLY D 104 23.64 -3.13 -30.67
N ARG D 105 22.96 -3.84 -29.76
CA ARG D 105 21.73 -3.30 -29.09
C ARG D 105 21.59 -4.03 -27.75
N ILE D 106 20.80 -3.43 -26.85
CA ILE D 106 20.25 -4.16 -25.67
C ILE D 106 18.79 -3.66 -25.61
N ASP D 107 17.81 -4.56 -25.56
CA ASP D 107 16.43 -4.18 -25.61
C ASP D 107 15.85 -4.24 -24.18
N ILE D 108 16.39 -5.14 -23.37
CA ILE D 108 15.77 -5.55 -22.06
C ILE D 108 16.87 -5.66 -20.99
N LEU D 109 16.57 -5.12 -19.81
CA LEU D 109 17.47 -5.32 -18.65
C LEU D 109 16.64 -6.01 -17.56
N ILE D 110 17.18 -7.12 -17.08
CA ILE D 110 16.63 -7.83 -15.90
C ILE D 110 17.62 -7.73 -14.75
N ASN D 111 17.18 -7.07 -13.65
CA ASN D 111 18.04 -6.78 -12.49
C ASN D 111 17.68 -7.87 -11.48
N CYS D 112 18.46 -8.94 -11.49
CA CYS D 112 18.15 -10.14 -10.75
C CYS D 112 19.24 -10.35 -9.64
N ALA D 113 20.40 -9.67 -9.73
CA ALA D 113 21.49 -9.85 -8.75
C ALA D 113 20.98 -9.44 -7.36
N ALA D 114 21.40 -10.19 -6.32
CA ALA D 114 20.99 -9.91 -4.95
C ALA D 114 21.81 -10.82 -4.01
N GLY D 115 21.85 -10.42 -2.74
CA GLY D 115 22.46 -11.26 -1.70
C GLY D 115 21.48 -11.30 -0.53
N ASN D 116 21.37 -12.46 0.13
CA ASN D 116 20.46 -12.60 1.23
C ASN D 116 20.96 -13.77 2.13
N PHE D 117 20.47 -13.75 3.38
CA PHE D 117 20.83 -14.73 4.44
C PHE D 117 19.90 -14.41 5.60
N LEU D 118 19.62 -15.43 6.43
CA LEU D 118 18.85 -15.14 7.62
C LEU D 118 19.70 -14.60 8.75
N CYS D 119 19.21 -13.55 9.43
CA CYS D 119 19.95 -13.02 10.53
C CYS D 119 19.02 -12.12 11.36
N PRO D 120 18.98 -12.33 12.69
CA PRO D 120 18.17 -11.38 13.50
C PRO D 120 18.73 -9.96 13.42
N ALA D 121 17.85 -8.96 13.50
CA ALA D 121 18.27 -7.55 13.35
C ALA D 121 19.33 -7.13 14.45
N GLY D 122 19.15 -7.62 15.68
CA GLY D 122 20.11 -7.30 16.72
C GLY D 122 21.49 -7.93 16.53
N ALA D 123 21.58 -9.00 15.74
CA ALA D 123 22.87 -9.65 15.45
C ALA D 123 23.47 -9.16 14.08
N LEU D 124 22.67 -8.52 13.25
CA LEU D 124 23.21 -8.11 11.92
C LEU D 124 24.22 -7.02 12.07
N SER D 125 25.43 -7.17 11.55
CA SER D 125 26.38 -6.08 11.62
C SER D 125 26.02 -4.90 10.73
N PHE D 126 26.63 -3.74 10.99
CA PHE D 126 26.43 -2.53 10.18
C PHE D 126 26.82 -2.80 8.71
N ASN D 127 28.00 -3.42 8.59
CA ASN D 127 28.54 -3.81 7.31
C ASN D 127 27.68 -4.83 6.57
N ALA D 128 27.13 -5.81 7.27
CA ALA D 128 26.20 -6.81 6.68
C ALA D 128 24.93 -6.17 6.12
N PHE D 129 24.31 -5.27 6.91
CA PHE D 129 23.22 -4.47 6.37
C PHE D 129 23.57 -3.68 5.12
N LYS D 130 24.61 -2.90 5.22
CA LYS D 130 25.02 -2.07 4.17
C LYS D 130 25.37 -2.83 2.89
N THR D 131 25.95 -4.00 3.05
CA THR D 131 26.31 -4.82 1.94
C THR D 131 25.06 -5.23 1.16
N VAL D 132 24.03 -5.66 1.85
CA VAL D 132 22.81 -6.08 1.19
C VAL D 132 22.14 -4.87 0.47
N MET D 133 22.25 -3.69 1.10
CA MET D 133 21.68 -2.50 0.50
CA MET D 133 21.73 -2.43 0.54
C MET D 133 22.50 -2.14 -0.74
N ASP D 134 23.82 -2.35 -0.69
CA ASP D 134 24.72 -1.99 -1.81
C ASP D 134 24.45 -2.88 -3.02
N ILE D 135 24.30 -4.20 -2.80
CA ILE D 135 24.08 -5.10 -3.90
C ILE D 135 22.67 -4.90 -4.48
N ASP D 136 21.63 -4.98 -3.62
CA ASP D 136 20.26 -5.04 -4.17
C ASP D 136 19.84 -3.67 -4.70
N THR D 137 20.15 -2.63 -3.96
CA THR D 137 19.62 -1.34 -4.20
C THR D 137 20.53 -0.46 -5.06
N SER D 138 21.68 -0.09 -4.49
CA SER D 138 22.68 0.57 -5.24
C SER D 138 23.07 -0.19 -6.51
N GLY D 139 23.21 -1.53 -6.44
CA GLY D 139 23.49 -2.35 -7.65
C GLY D 139 22.44 -2.15 -8.76
N THR D 140 21.16 -2.25 -8.41
CA THR D 140 20.07 -2.12 -9.36
C THR D 140 20.10 -0.68 -9.98
N PHE D 141 20.27 0.34 -9.14
CA PHE D 141 20.37 1.73 -9.66
C PHE D 141 21.56 1.82 -10.65
N ASN D 142 22.71 1.28 -10.22
CA ASN D 142 23.94 1.41 -11.05
C ASN D 142 23.72 0.79 -12.41
N VAL D 143 23.24 -0.45 -12.46
CA VAL D 143 23.08 -1.09 -13.76
C VAL D 143 22.06 -0.33 -14.62
N SER D 144 20.96 0.07 -14.02
CA SER D 144 19.90 0.80 -14.75
C SER D 144 20.42 2.09 -15.32
N ARG D 145 21.17 2.80 -14.52
CA ARG D 145 21.66 4.11 -14.90
C ARG D 145 22.75 3.98 -16.00
N VAL D 146 23.64 2.99 -15.88
CA VAL D 146 24.57 2.68 -16.98
C VAL D 146 23.81 2.35 -18.31
N LEU D 147 22.86 1.43 -18.26
CA LEU D 147 22.13 1.07 -19.42
C LEU D 147 21.40 2.28 -20.03
N TYR D 148 20.84 3.12 -19.16
CA TYR D 148 20.21 4.34 -19.60
C TYR D 148 21.15 5.20 -20.40
N GLU D 149 22.31 5.50 -19.81
CA GLU D 149 23.31 6.36 -20.43
C GLU D 149 23.89 5.73 -21.75
N LYS D 150 24.11 4.42 -21.75
CA LYS D 150 24.78 3.72 -22.88
C LYS D 150 23.83 3.35 -24.01
N PHE D 151 22.56 3.22 -23.76
CA PHE D 151 21.63 2.79 -24.78
C PHE D 151 20.14 3.17 -24.62
N PHE D 152 19.56 2.93 -23.45
CA PHE D 152 18.16 3.12 -23.32
C PHE D 152 17.67 4.55 -23.49
N ARG D 153 18.46 5.49 -23.04
CA ARG D 153 18.04 6.90 -23.15
C ARG D 153 17.68 7.20 -24.62
N ASP D 154 18.57 6.77 -25.51
CA ASP D 154 18.45 7.10 -26.93
C ASP D 154 17.57 6.16 -27.73
N HIS D 155 17.39 4.92 -27.29
CA HIS D 155 16.68 3.91 -28.04
C HIS D 155 15.44 3.30 -27.38
N GLY D 156 15.17 3.65 -26.16
CA GLY D 156 14.05 3.04 -25.44
C GLY D 156 14.53 1.72 -24.87
N GLY D 157 13.66 1.03 -24.10
CA GLY D 157 14.02 -0.24 -23.64
C GLY D 157 13.05 -0.63 -22.54
N VAL D 158 13.30 -1.76 -21.92
CA VAL D 158 12.36 -2.28 -20.89
C VAL D 158 13.20 -2.86 -19.68
N ILE D 159 12.86 -2.50 -18.44
CA ILE D 159 13.66 -2.97 -17.28
C ILE D 159 12.63 -3.78 -16.47
N VAL D 160 13.05 -4.97 -15.96
CA VAL D 160 12.30 -5.69 -14.96
C VAL D 160 13.22 -5.85 -13.75
N ASN D 161 12.83 -5.31 -12.60
CA ASN D 161 13.57 -5.44 -11.34
C ASN D 161 13.00 -6.58 -10.61
N ILE D 162 13.85 -7.54 -10.24
CA ILE D 162 13.32 -8.65 -9.42
C ILE D 162 13.39 -8.35 -7.92
N THR D 163 12.24 -8.29 -7.26
CA THR D 163 12.16 -7.84 -5.89
C THR D 163 11.61 -8.92 -4.92
N ALA D 164 10.72 -8.54 -4.01
CA ALA D 164 10.32 -9.51 -3.01
C ALA D 164 9.17 -8.94 -2.21
N THR D 165 8.52 -9.77 -1.40
CA THR D 165 7.40 -9.25 -0.60
C THR D 165 7.82 -9.09 0.88
N LEU D 166 9.09 -9.37 1.21
CA LEU D 166 9.57 -9.42 2.64
C LEU D 166 9.19 -8.16 3.45
N GLY D 167 9.29 -6.98 2.77
CA GLY D 167 9.10 -5.69 3.43
C GLY D 167 7.67 -5.38 3.76
N ASN D 168 6.73 -6.08 3.11
CA ASN D 168 5.30 -5.87 3.33
C ASN D 168 4.89 -6.05 4.80
N ARG D 169 5.27 -7.18 5.43
CA ARG D 169 4.90 -7.41 6.84
C ARG D 169 6.12 -7.42 7.74
N GLY D 170 7.28 -6.99 7.20
CA GLY D 170 8.50 -6.91 7.94
C GLY D 170 8.89 -8.32 8.43
N GLN D 171 9.06 -9.27 7.49
CA GLN D 171 9.43 -10.66 7.79
C GLN D 171 10.63 -10.79 8.73
N ALA D 172 10.52 -11.57 9.80
CA ALA D 172 11.67 -11.69 10.75
C ALA D 172 12.94 -12.21 10.08
N LEU D 173 14.11 -11.79 10.56
CA LEU D 173 15.42 -12.33 10.13
C LEU D 173 15.79 -11.73 8.75
N GLN D 174 15.01 -10.77 8.30
CA GLN D 174 15.20 -10.33 6.93
C GLN D 174 15.18 -8.83 6.86
N VAL D 175 15.57 -8.15 7.94
CA VAL D 175 15.49 -6.60 7.89
C VAL D 175 16.28 -6.01 6.67
N HIS D 176 17.48 -6.51 6.44
CA HIS D 176 18.34 -6.13 5.28
C HIS D 176 17.65 -6.31 3.95
N ALA D 177 17.17 -7.54 3.67
CA ALA D 177 16.60 -7.86 2.35
C ALA D 177 15.24 -7.15 2.15
N GLY D 178 14.46 -7.08 3.22
CA GLY D 178 13.17 -6.37 3.18
C GLY D 178 13.29 -4.86 2.86
N SER D 179 14.22 -4.22 3.53
CA SER D 179 14.49 -2.85 3.32
C SER D 179 14.97 -2.63 1.84
N ALA D 180 15.91 -3.43 1.43
CA ALA D 180 16.54 -3.28 0.11
C ALA D 180 15.54 -3.47 -1.01
N LYS D 181 14.71 -4.50 -0.91
CA LYS D 181 13.74 -4.73 -1.93
C LYS D 181 12.60 -3.66 -1.94
N ALA D 182 12.15 -3.16 -0.77
CA ALA D 182 11.21 -2.07 -0.73
C ALA D 182 11.79 -0.77 -1.44
N ALA D 183 13.10 -0.51 -1.27
CA ALA D 183 13.78 0.55 -1.94
C ALA D 183 13.73 0.25 -3.45
N VAL D 184 13.92 -1.00 -3.86
CA VAL D 184 13.93 -1.20 -5.33
C VAL D 184 12.50 -1.02 -5.90
N ASP D 185 11.46 -1.46 -5.19
CA ASP D 185 10.06 -1.21 -5.66
C ASP D 185 9.73 0.27 -5.79
N ALA D 186 10.20 1.09 -4.82
CA ALA D 186 10.08 2.57 -4.95
C ALA D 186 10.90 3.07 -6.22
N MET D 187 12.15 2.60 -6.37
CA MET D 187 12.94 2.98 -7.55
C MET D 187 12.18 2.66 -8.86
N THR D 188 11.49 1.53 -8.91
CA THR D 188 10.67 1.10 -10.08
C THR D 188 9.71 2.22 -10.42
N ARG D 189 8.99 2.76 -9.44
CA ARG D 189 8.05 3.85 -9.71
C ARG D 189 8.76 5.15 -10.15
N HIS D 190 9.82 5.52 -9.47
CA HIS D 190 10.56 6.75 -9.85
C HIS D 190 11.12 6.70 -11.28
N LEU D 191 11.75 5.61 -11.65
CA LEU D 191 12.30 5.45 -13.01
C LEU D 191 11.20 5.34 -14.04
N ALA D 192 10.09 4.69 -13.71
CA ALA D 192 8.99 4.59 -14.63
C ALA D 192 8.52 6.00 -15.00
N VAL D 193 8.45 6.87 -14.00
CA VAL D 193 7.99 8.22 -14.17
C VAL D 193 9.02 9.08 -14.98
N GLU D 194 10.28 9.03 -14.62
CA GLU D 194 11.27 9.83 -15.27
C GLU D 194 11.59 9.36 -16.69
N TRP D 195 11.57 8.05 -16.91
CA TRP D 195 12.09 7.52 -18.12
C TRP D 195 11.05 7.05 -19.08
N GLY D 196 9.79 7.06 -18.64
CA GLY D 196 8.68 6.79 -19.55
C GLY D 196 8.71 7.62 -20.85
N PRO D 197 9.01 8.90 -20.75
CA PRO D 197 9.06 9.71 -21.97
C PRO D 197 10.22 9.37 -22.91
N GLN D 198 11.21 8.59 -22.45
CA GLN D 198 12.26 8.03 -23.33
C GLN D 198 11.92 6.63 -23.84
N ASN D 199 10.63 6.29 -23.84
CA ASN D 199 10.20 4.99 -24.32
C ASN D 199 10.84 3.84 -23.45
N ILE D 200 10.93 4.09 -22.15
CA ILE D 200 11.50 2.99 -21.25
C ILE D 200 10.37 2.55 -20.35
N ARG D 201 10.06 1.27 -20.31
CA ARG D 201 9.16 0.74 -19.30
C ARG D 201 9.96 0.17 -18.10
N VAL D 202 9.45 0.33 -16.87
CA VAL D 202 10.20 -0.18 -15.72
C VAL D 202 9.14 -0.83 -14.79
N ASN D 203 9.26 -2.12 -14.46
CA ASN D 203 8.37 -2.77 -13.52
C ASN D 203 9.15 -3.67 -12.54
N SER D 204 8.51 -4.07 -11.44
CA SER D 204 9.06 -5.06 -10.52
C SER D 204 8.29 -6.35 -10.66
N LEU D 205 8.97 -7.45 -10.42
CA LEU D 205 8.28 -8.73 -10.28
C LEU D 205 8.79 -9.25 -8.93
N ALA D 206 7.86 -9.60 -8.04
CA ALA D 206 8.22 -10.08 -6.70
C ALA D 206 7.90 -11.58 -6.55
N PRO D 207 8.93 -12.44 -6.57
CA PRO D 207 8.60 -13.86 -6.51
C PRO D 207 8.30 -14.32 -5.06
N GLY D 208 7.64 -15.44 -4.94
CA GLY D 208 7.47 -16.04 -3.61
C GLY D 208 8.52 -17.11 -3.50
N PRO D 209 8.24 -18.10 -2.66
CA PRO D 209 9.25 -19.10 -2.31
C PRO D 209 9.43 -20.13 -3.45
N ILE D 210 10.63 -20.20 -4.03
CA ILE D 210 10.75 -20.83 -5.41
C ILE D 210 11.67 -22.06 -5.27
N SER D 211 11.16 -23.24 -5.59
CA SER D 211 11.96 -24.49 -5.42
C SER D 211 13.21 -24.46 -6.34
N GLY D 212 14.28 -25.18 -5.94
CA GLY D 212 15.50 -25.29 -6.79
C GLY D 212 16.32 -24.01 -6.88
N THR D 213 16.27 -23.18 -5.83
CA THR D 213 17.02 -21.90 -5.78
C THR D 213 17.88 -21.82 -4.53
N GLU D 214 18.96 -21.05 -4.62
CA GLU D 214 19.80 -20.66 -3.47
C GLU D 214 18.98 -19.88 -2.44
N GLY D 215 18.14 -18.92 -2.91
CA GLY D 215 17.17 -18.29 -1.98
C GLY D 215 16.45 -19.30 -1.10
N LEU D 216 15.78 -20.30 -1.69
CA LEU D 216 15.05 -21.26 -0.85
C LEU D 216 15.94 -22.11 0.04
N ARG D 217 17.07 -22.57 -0.49
CA ARG D 217 18.06 -23.31 0.31
C ARG D 217 18.56 -22.51 1.50
N ARG D 218 18.74 -21.22 1.30
CA ARG D 218 19.23 -20.34 2.34
C ARG D 218 18.20 -19.88 3.35
N LEU D 219 17.03 -19.58 2.87
CA LEU D 219 16.08 -18.79 3.63
C LEU D 219 14.87 -19.58 4.04
N GLY D 220 14.71 -20.75 3.44
CA GLY D 220 13.54 -21.60 3.73
C GLY D 220 13.49 -22.20 5.13
N GLY D 221 14.64 -22.38 5.77
CA GLY D 221 14.69 -22.98 7.13
C GLY D 221 14.38 -24.48 7.04
N PRO D 222 14.19 -25.16 8.21
CA PRO D 222 14.01 -26.63 8.25
C PRO D 222 12.85 -27.14 7.38
N GLN D 223 13.07 -28.30 6.74
CA GLN D 223 12.13 -28.88 5.78
C GLN D 223 10.71 -29.13 6.31
N ALA D 224 10.61 -29.63 7.54
CA ALA D 224 9.29 -29.92 8.13
C ALA D 224 8.49 -28.63 8.27
N SER D 225 9.09 -27.60 8.87
CA SER D 225 8.41 -26.31 9.09
C SER D 225 8.09 -25.59 7.75
N LEU D 226 8.99 -25.72 6.77
CA LEU D 226 8.76 -25.15 5.45
C LEU D 226 7.59 -25.88 4.77
N SER D 227 7.57 -27.23 4.80
CA SER D 227 6.45 -27.99 4.23
C SER D 227 5.14 -27.45 4.79
N THR D 228 5.14 -27.22 6.11
CA THR D 228 3.91 -26.77 6.79
C THR D 228 3.40 -25.42 6.28
N LYS D 229 4.31 -24.47 6.16
CA LYS D 229 3.81 -23.17 5.76
C LYS D 229 3.45 -23.17 4.25
N VAL D 230 4.24 -23.88 3.43
CA VAL D 230 3.79 -24.16 2.07
C VAL D 230 2.36 -24.77 1.99
N THR D 231 2.07 -25.80 2.76
CA THR D 231 0.72 -26.40 2.67
C THR D 231 -0.36 -25.41 3.09
N ALA D 232 0.02 -24.49 3.99
CA ALA D 232 -0.94 -23.51 4.52
C ALA D 232 -1.06 -22.26 3.66
N SER D 233 -0.28 -22.16 2.55
CA SER D 233 -0.30 -21.06 1.56
C SER D 233 -1.31 -21.36 0.42
N PRO D 234 -1.86 -20.30 -0.24
CA PRO D 234 -3.13 -20.44 -0.94
C PRO D 234 -3.08 -21.53 -2.01
N LEU D 235 -1.99 -21.58 -2.79
CA LEU D 235 -1.90 -22.59 -3.87
C LEU D 235 -1.24 -23.87 -3.32
N GLN D 236 -0.84 -23.87 -2.05
CA GLN D 236 -0.34 -25.06 -1.37
C GLN D 236 0.91 -25.74 -2.00
N ARG D 237 1.75 -24.99 -2.64
CA ARG D 237 2.93 -25.55 -3.20
C ARG D 237 3.96 -24.44 -3.35
N LEU D 238 5.21 -24.79 -3.47
CA LEU D 238 6.24 -23.82 -3.94
C LEU D 238 6.08 -23.45 -5.42
N GLY D 239 6.50 -22.24 -5.77
CA GLY D 239 6.57 -21.83 -7.16
C GLY D 239 7.78 -22.51 -7.78
N ASN D 240 7.75 -22.64 -9.10
CA ASN D 240 9.02 -23.05 -9.72
C ASN D 240 9.66 -21.94 -10.50
N LYS D 241 10.92 -22.15 -10.89
CA LYS D 241 11.62 -21.09 -11.66
C LYS D 241 10.99 -20.79 -13.03
N THR D 242 10.44 -21.77 -13.71
CA THR D 242 9.82 -21.53 -15.03
C THR D 242 8.59 -20.59 -14.90
N GLU D 243 7.82 -20.76 -13.82
CA GLU D 243 6.64 -19.91 -13.61
C GLU D 243 7.07 -18.50 -13.39
N ILE D 244 8.14 -18.27 -12.63
CA ILE D 244 8.64 -16.93 -12.46
C ILE D 244 9.17 -16.36 -13.78
N ALA D 245 9.90 -17.18 -14.56
CA ALA D 245 10.43 -16.71 -15.84
C ALA D 245 9.25 -16.33 -16.79
N HIS D 246 8.12 -17.01 -16.71
CA HIS D 246 6.92 -16.64 -17.52
C HIS D 246 6.36 -15.27 -17.22
N SER D 247 6.38 -14.89 -15.95
CA SER D 247 5.84 -13.61 -15.51
C SER D 247 6.86 -12.56 -15.84
N VAL D 248 8.15 -12.87 -15.73
CA VAL D 248 9.17 -11.90 -16.11
C VAL D 248 9.11 -11.67 -17.64
N LEU D 249 8.97 -12.72 -18.42
CA LEU D 249 8.81 -12.62 -19.85
C LEU D 249 7.61 -11.74 -20.23
N TYR D 250 6.44 -11.96 -19.60
CA TYR D 250 5.25 -11.12 -19.80
C TYR D 250 5.59 -9.64 -19.69
N LEU D 251 6.14 -9.25 -18.53
CA LEU D 251 6.51 -7.87 -18.31
C LEU D 251 7.54 -7.35 -19.27
N ALA D 252 8.55 -8.19 -19.65
CA ALA D 252 9.63 -7.72 -20.53
C ALA D 252 9.19 -7.65 -22.00
N SER D 253 8.02 -8.20 -22.32
CA SER D 253 7.57 -8.30 -23.71
C SER D 253 6.60 -7.19 -24.21
N PRO D 254 6.38 -7.08 -25.55
CA PRO D 254 5.29 -6.20 -26.11
C PRO D 254 3.87 -6.52 -25.60
N LEU D 255 3.61 -7.70 -25.05
CA LEU D 255 2.34 -7.95 -24.41
C LEU D 255 2.06 -6.99 -23.19
N ALA D 256 3.11 -6.38 -22.63
CA ALA D 256 2.99 -5.49 -21.47
C ALA D 256 3.27 -4.05 -21.85
N SER D 257 2.95 -3.72 -23.13
CA SER D 257 3.22 -2.41 -23.71
C SER D 257 2.67 -1.22 -22.85
N TYR D 258 1.60 -1.45 -22.12
CA TYR D 258 0.99 -0.43 -21.32
C TYR D 258 1.25 -0.56 -19.81
N VAL D 259 2.08 -1.55 -19.41
CA VAL D 259 2.46 -1.71 -18.00
C VAL D 259 3.79 -1.01 -17.68
N THR D 260 3.78 -0.01 -16.79
CA THR D 260 4.98 0.59 -16.32
C THR D 260 4.70 1.11 -14.90
N GLY D 261 5.76 1.07 -14.08
CA GLY D 261 5.64 1.55 -12.73
C GLY D 261 4.92 0.58 -11.84
N ALA D 262 4.68 -0.65 -12.27
CA ALA D 262 3.87 -1.60 -11.49
C ALA D 262 4.71 -2.64 -10.76
N VAL D 263 4.13 -3.27 -9.71
CA VAL D 263 4.82 -4.40 -9.08
C VAL D 263 3.90 -5.59 -9.31
N LEU D 264 4.35 -6.65 -9.92
CA LEU D 264 3.56 -7.86 -10.05
C LEU D 264 4.05 -8.84 -9.01
N VAL D 265 3.16 -9.26 -8.13
CA VAL D 265 3.56 -10.28 -7.10
C VAL D 265 3.23 -11.63 -7.70
N ALA D 266 4.22 -12.53 -7.81
CA ALA D 266 4.02 -13.90 -8.32
C ALA D 266 4.55 -14.84 -7.26
N ASP D 267 3.73 -15.06 -6.24
CA ASP D 267 4.17 -15.78 -5.07
C ASP D 267 3.12 -16.79 -4.60
N GLY D 268 2.14 -17.09 -5.45
CA GLY D 268 1.18 -18.09 -5.01
C GLY D 268 0.33 -17.65 -3.81
N GLY D 269 0.28 -16.33 -3.60
CA GLY D 269 -0.42 -15.73 -2.40
C GLY D 269 0.36 -15.93 -1.11
N ALA D 270 1.62 -16.35 -1.19
CA ALA D 270 2.32 -16.72 0.02
C ALA D 270 2.51 -15.65 1.09
N TRP D 271 2.70 -14.40 0.66
CA TRP D 271 2.90 -13.30 1.65
C TRP D 271 1.66 -13.02 2.50
N LEU D 272 0.50 -13.39 1.97
CA LEU D 272 -0.77 -13.25 2.62
C LEU D 272 -0.95 -14.22 3.80
N THR D 273 -0.31 -15.37 3.78
CA THR D 273 -0.52 -16.41 4.81
C THR D 273 0.75 -16.87 5.57
N PHE D 274 1.92 -16.58 5.04
CA PHE D 274 3.17 -17.13 5.63
C PHE D 274 3.38 -16.62 7.05
N PRO D 275 3.77 -17.49 7.98
CA PRO D 275 4.11 -17.01 9.34
C PRO D 275 5.22 -15.92 9.40
N ASN D 276 5.16 -15.14 10.49
CA ASN D 276 6.11 -14.09 10.83
C ASN D 276 6.04 -13.85 12.36
N GLY D 277 7.13 -13.47 12.98
CA GLY D 277 7.16 -13.28 14.46
C GLY D 277 8.25 -14.17 15.02
#